data_8Y7Y
#
_entry.id   8Y7Y
#
_cell.length_a   1.00
_cell.length_b   1.00
_cell.length_c   1.00
_cell.angle_alpha   90.00
_cell.angle_beta   90.00
_cell.angle_gamma   90.00
#
_symmetry.space_group_name_H-M   'P 1'
#
loop_
_entity.id
_entity.type
_entity.pdbx_description
1 polymer 'Spike glycoprotein'
2 polymer 'Transmembrane protease serine 2'
3 branched alpha-D-mannopyranose-(1-3)-beta-D-mannopyranose-(1-4)-2-acetamido-2-deoxy-beta-D-glucopyranose-(1-4)-2-acetamido-2-deoxy-beta-D-glucopyranose
4 branched beta-D-mannopyranose-(1-4)-2-acetamido-2-deoxy-beta-D-glucopyranose-(1-4)-2-acetamido-2-deoxy-beta-D-glucopyranose
5 branched 2-acetamido-2-deoxy-beta-D-glucopyranose-(1-4)-2-acetamido-2-deoxy-beta-D-glucopyranose
6 non-polymer 2-acetamido-2-deoxy-beta-D-glucopyranose
7 non-polymer 'methyl 9-O-acetyl-5-acetamido-3,5-dideoxy-D-glycero-alpha-D-galacto-non-2-ulopyranosidonic acid'
#
loop_
_entity_poly.entity_id
_entity_poly.type
_entity_poly.pdbx_seq_one_letter_code
_entity_poly.pdbx_strand_id
1 'polypeptide(L)'
;VIGDFNCTNFAINDLNTTVPRISEYVVDVSYGLGTYYILDRVYLNTTILFTGYFPKSGANFRDLSLKGTTYLSTLWYQKP
FLSDFNNGIFSRVKNTKLYVNKTLYSEFSTIVIGSVFINNSYTIVVQPHNGVLEITACQYTMCEYPHTICKSKGSSRNES
WHFDKSEPLCLFKKNFTYNVSTDWLYFHFYQERGTFYAYYADSGMPTTFLFSLYLGTLLSHYYVLPLTCNAISSNTDNET
LQYWVTPLSKRQYLLKFDNRGVITNAVDCSSSFFSEIQCKTKSLLPNTGVYDLSGFTVKPVATVHRRIPDLPDCDIDKWL
NNFNVPSPLNWERKIFSNCNFNLSTLLRLVHTDSFSCNNFDESKIYGSCFKSIVLDKFAIPNSRRSDLQLGSSGFLQSSN
YKIDTTSSSCQLYYSLPAINVTINNYNPSSWNRRYGFNNFNLSSHSVVYSRYCFSVNNTFCPCAKPSFASSCKSHKPPSA
SCPIGTNYRSCESTTVLDHTDWCRCSCLPDPITAYDPRSCSQKKSLVGVGEHCAGFGVDEEKCGVLDGSYNVSCLCSTDA
FLGWSYDTCVSNNRCNIFSNFILNGINSGTTCSNDLLQPNTEVFTDVCVDYDLYGITGQGIFKEVSAVYYNSWQNLLYDS
NGNIIGFKDFVTNKTYNIFPCYAGRVSAAFHQNASSLALLYRNLKCSYVLNNISLTTQPYFDSYLGCVFNADNLTDYSVS
SCALRMGSGFCVDYNSPSSSSSGGSGSSISASYRFVTFEPFNVSFVNDSIESVGGLYEIKIPTNFTIVGQEEFIQTNSPK
VTIDCSLFVCSNYAACHDLLSEYGTFCDNINSILDEVNGLLDTTQLHVADTLMQGVTLSSNLNTNLHFDVDNINFKSLVG
CLGPHCGSSSRSFFEDLLFDKVKLSDVGFVEAYNNCTGGSEIRDLLCVQSFNGIKVLPPILSESQISGYTTAATVAAMFP
PWSAAAGIPFSLNVQYRINGLGVTMDVLNKNQKLIATAFNNALLSIQNGFSATNSALAKIQSVVNSNAQALNSLLQQLFN
KFGAISSSLQEILSRLDPPEAQVQIDRLINGRLTALNAYVSQQLSDISLVKFGAALAMEKVNECVKSQSPRINFCGNGNH
ILSLVQNAPYGLLFMHFSYKPISFKTVLVSPGLCISGDVGIAPKQGYFIKHNDHWMFTGSSYYYPEPISDKNVVFMNTCS
VNFTKAPLVYLNHSVPKLSDFESELSHWFKNQTSIAPNLTLNLHTINATFLDLYYEMNLIQESIKSLN
;
A,B
2 'polypeptide(L)'
;MGSKCSNSGIECDSSGTCINPSNWCDGVSHCPGGEDENRCVRLYGPNFILQVYSSQRKSWHPVCQDDWNENYGRAACRDM
GYKNNFYSSQGIVDDSGSTSFMKLNTSAGNVDIYKKLYHSDACSSKAVVSLRCIACGVNLNDDDDKIVGGESALPGAWPW
QVSLHVQNVHVCGGSIITPEWIVTAAHCVEKPLNNPWHWTAFAGILRQSFMFYGAGYQVEKVISHPNYDSKTKNNDIALM
KLQKPLTFNDLVKPVCLPNPGMMLQPEQLCWISGWGATEEKGKTSEVLNAAKVLLIETQRCNSRYVYDNLITPAMICAGF
LQGNVDSCQGDSGGPLVTSKNNIWWLIGDTSWGSGCAKAYRPGVYGNVMVFTDWIYRQMRADG
;
T
#
loop_
_chem_comp.id
_chem_comp.type
_chem_comp.name
_chem_comp.formula
BMA D-saccharide, beta linking beta-D-mannopyranose 'C6 H12 O6'
MAN D-saccharide, alpha linking alpha-D-mannopyranose 'C6 H12 O6'
MJJ D-saccharide 'methyl 9-O-acetyl-5-acetamido-3,5-dideoxy-D-glycero-alpha-D-galacto-non-2-ulopyranosidonic acid' 'C14 H23 N O10'
NAG D-saccharide, beta linking 2-acetamido-2-deoxy-beta-D-glucopyranose 'C8 H15 N O6'
#
# COMPACT_ATOMS: atom_id res chain seq x y z
N VAL A 1 37.10 -11.82 -0.90
CA VAL A 1 35.67 -11.74 -1.17
C VAL A 1 35.00 -13.07 -0.83
N ILE A 2 33.97 -13.00 0.01
CA ILE A 2 33.24 -14.18 0.45
C ILE A 2 31.85 -14.26 -0.17
N GLY A 3 31.13 -13.14 -0.22
CA GLY A 3 29.81 -13.11 -0.82
C GLY A 3 29.81 -12.51 -2.21
N ASP A 4 28.63 -12.14 -2.70
CA ASP A 4 28.52 -11.52 -4.01
C ASP A 4 27.59 -10.31 -4.07
N PHE A 5 26.92 -9.96 -2.97
CA PHE A 5 25.98 -8.85 -3.00
C PHE A 5 26.67 -7.56 -2.56
N ASN A 6 26.63 -6.55 -3.42
CA ASN A 6 27.21 -5.23 -3.13
C ASN A 6 26.23 -4.51 -2.21
N CYS A 7 26.40 -4.70 -0.90
CA CYS A 7 25.44 -4.19 0.08
C CYS A 7 25.88 -2.91 0.74
N THR A 8 27.17 -2.59 0.75
CA THR A 8 27.65 -1.34 1.33
C THR A 8 29.05 -1.04 0.83
N ASN A 9 29.32 0.25 0.60
CA ASN A 9 30.66 0.72 0.23
C ASN A 9 30.88 2.04 0.96
N PHE A 10 31.45 1.97 2.16
CA PHE A 10 31.71 3.14 2.98
C PHE A 10 33.18 3.52 3.04
N ALA A 11 34.04 2.58 3.45
CA ALA A 11 35.48 2.82 3.50
C ALA A 11 36.23 1.50 3.35
N ILE A 12 36.71 1.20 2.14
CA ILE A 12 37.38 -0.06 1.85
C ILE A 12 38.76 0.27 1.32
N ASN A 13 39.77 0.18 2.19
CA ASN A 13 41.15 0.45 1.83
C ASN A 13 41.83 -0.87 1.43
N ASP A 14 43.16 -0.84 1.28
CA ASP A 14 43.90 -2.03 0.89
C ASP A 14 45.29 -1.92 1.54
N LEU A 15 45.47 -2.66 2.64
CA LEU A 15 46.72 -2.62 3.38
C LEU A 15 46.96 -3.98 4.02
N ASN A 16 48.23 -4.39 4.06
CA ASN A 16 48.64 -5.66 4.63
C ASN A 16 49.21 -5.41 6.03
N THR A 17 48.37 -5.56 7.06
CA THR A 17 48.81 -5.34 8.43
C THR A 17 48.30 -6.40 9.40
N THR A 18 48.12 -7.64 8.94
CA THR A 18 47.60 -8.68 9.82
C THR A 18 48.11 -10.04 9.35
N VAL A 19 48.66 -10.81 10.28
CA VAL A 19 49.11 -12.18 10.02
C VAL A 19 48.68 -13.06 11.18
N PRO A 20 48.17 -14.27 10.92
CA PRO A 20 47.75 -15.14 12.02
C PRO A 20 48.94 -15.58 12.87
N ARG A 21 48.78 -15.45 14.18
CA ARG A 21 49.83 -15.81 15.12
C ARG A 21 49.67 -17.26 15.56
N ILE A 22 50.80 -17.93 15.78
CA ILE A 22 50.82 -19.30 16.27
C ILE A 22 50.83 -19.28 17.80
N SER A 23 49.86 -19.96 18.40
CA SER A 23 49.72 -19.94 19.85
C SER A 23 50.76 -20.85 20.50
N GLU A 24 51.12 -20.50 21.74
CA GLU A 24 52.02 -21.30 22.54
C GLU A 24 51.31 -22.33 23.39
N TYR A 25 50.00 -22.50 23.20
CA TYR A 25 49.20 -23.46 23.95
C TYR A 25 49.21 -24.80 23.22
N VAL A 26 49.33 -25.88 23.99
CA VAL A 26 49.41 -27.23 23.46
C VAL A 26 48.17 -28.00 23.89
N VAL A 27 47.61 -28.80 22.97
CA VAL A 27 46.42 -29.58 23.27
C VAL A 27 46.77 -30.68 24.27
N ASP A 28 45.99 -30.75 25.34
CA ASP A 28 46.17 -31.78 26.37
C ASP A 28 44.81 -32.41 26.64
N VAL A 29 44.63 -33.65 26.16
CA VAL A 29 43.36 -34.35 26.30
C VAL A 29 43.33 -35.26 27.52
N SER A 30 44.28 -35.11 28.44
CA SER A 30 44.35 -36.02 29.58
C SER A 30 43.17 -35.84 30.53
N TYR A 31 42.73 -34.59 30.71
CA TYR A 31 41.66 -34.30 31.65
C TYR A 31 40.31 -34.05 30.98
N GLY A 32 40.26 -34.03 29.65
CA GLY A 32 38.99 -33.89 28.97
C GLY A 32 38.96 -32.80 27.91
N LEU A 33 39.92 -31.87 27.97
CA LEU A 33 39.95 -30.79 26.99
C LEU A 33 40.23 -31.32 25.60
N GLY A 34 39.32 -31.02 24.67
CA GLY A 34 39.41 -31.52 23.32
C GLY A 34 38.53 -32.71 23.03
N THR A 35 37.71 -33.15 23.99
CA THR A 35 36.82 -34.28 23.82
C THR A 35 35.38 -33.81 23.99
N TYR A 36 34.46 -34.51 23.33
CA TYR A 36 33.05 -34.18 23.37
C TYR A 36 32.23 -35.37 23.81
N TYR A 37 31.09 -35.09 24.44
CA TYR A 37 30.11 -36.13 24.71
C TYR A 37 29.43 -36.54 23.41
N ILE A 38 28.96 -37.79 23.36
CA ILE A 38 28.21 -38.29 22.21
C ILE A 38 26.87 -37.53 22.21
N LEU A 39 26.22 -37.45 21.06
CA LEU A 39 25.07 -36.55 20.80
C LEU A 39 24.05 -36.74 21.90
N ASP A 40 23.40 -37.89 22.02
CA ASP A 40 22.44 -38.16 23.09
C ASP A 40 22.72 -39.56 23.63
N ARG A 41 23.65 -39.64 24.57
CA ARG A 41 24.05 -40.91 25.18
C ARG A 41 24.58 -40.64 26.58
N VAL A 42 24.26 -41.55 27.49
CA VAL A 42 24.71 -41.49 28.88
C VAL A 42 25.42 -42.79 29.22
N TYR A 43 26.60 -42.68 29.82
CA TYR A 43 27.38 -43.82 30.26
C TYR A 43 27.76 -43.64 31.72
N LEU A 44 27.65 -44.71 32.51
CA LEU A 44 27.91 -44.67 33.95
C LEU A 44 29.01 -45.66 34.28
N ASN A 45 30.17 -45.14 34.69
CA ASN A 45 31.27 -45.93 35.23
C ASN A 45 31.73 -47.00 34.23
N THR A 46 32.25 -46.54 33.10
CA THR A 46 32.72 -47.45 32.07
C THR A 46 33.85 -46.79 31.29
N THR A 47 34.58 -47.61 30.54
CA THR A 47 35.65 -47.17 29.67
C THR A 47 35.33 -47.58 28.24
N ILE A 48 35.35 -46.64 27.31
CA ILE A 48 34.90 -46.86 25.94
C ILE A 48 36.01 -46.43 24.98
N LEU A 49 36.23 -47.25 23.96
CA LEU A 49 37.09 -46.88 22.84
C LEU A 49 36.22 -46.32 21.73
N PHE A 50 36.37 -45.03 21.46
CA PHE A 50 35.53 -44.32 20.51
C PHE A 50 36.39 -43.77 19.38
N THR A 51 35.98 -44.06 18.14
CA THR A 51 36.65 -43.56 16.95
C THR A 51 35.83 -42.42 16.36
N GLY A 52 36.35 -41.20 16.47
CA GLY A 52 35.64 -40.05 15.96
C GLY A 52 36.57 -38.94 15.50
N TYR A 53 36.00 -37.77 15.21
CA TYR A 53 36.77 -36.62 14.76
C TYR A 53 37.25 -35.84 15.98
N PHE A 54 38.52 -36.00 16.33
CA PHE A 54 39.14 -35.36 17.47
C PHE A 54 40.39 -34.61 17.02
N PRO A 55 40.78 -33.56 17.74
CA PRO A 55 42.04 -32.88 17.43
C PRO A 55 43.23 -33.74 17.81
N LYS A 56 44.35 -33.49 17.14
CA LYS A 56 45.56 -34.26 17.37
C LYS A 56 46.31 -33.72 18.58
N SER A 57 46.83 -34.64 19.39
CA SER A 57 47.58 -34.26 20.58
C SER A 57 48.89 -33.59 20.18
N GLY A 58 49.21 -32.50 20.87
CA GLY A 58 50.42 -31.75 20.56
C GLY A 58 50.30 -30.95 19.27
N ALA A 59 49.31 -30.08 19.21
CA ALA A 59 49.05 -29.27 18.03
C ALA A 59 48.99 -27.79 18.42
N ASN A 60 49.38 -26.94 17.49
CA ASN A 60 49.39 -25.49 17.71
C ASN A 60 48.11 -24.87 17.19
N PHE A 61 47.76 -23.73 17.76
CA PHE A 61 46.57 -22.98 17.38
C PHE A 61 46.94 -21.76 16.56
N ARG A 62 46.00 -21.31 15.74
CA ARG A 62 46.16 -20.11 14.93
C ARG A 62 45.01 -19.15 15.19
N ASP A 63 45.34 -17.88 15.37
CA ASP A 63 44.36 -16.86 15.71
C ASP A 63 43.77 -16.25 14.44
N LEU A 64 42.44 -16.16 14.38
CA LEU A 64 41.72 -15.60 13.25
C LEU A 64 40.77 -14.50 13.72
N SER A 65 41.28 -13.62 14.58
CA SER A 65 40.49 -12.51 15.12
C SER A 65 40.85 -11.24 14.39
N LEU A 66 39.83 -10.51 13.94
CA LEU A 66 40.01 -9.27 13.19
C LEU A 66 39.21 -8.17 13.85
N LYS A 67 39.88 -7.07 14.21
CA LYS A 67 39.25 -5.92 14.84
C LYS A 67 39.70 -4.66 14.11
N GLY A 68 38.74 -3.78 13.81
CA GLY A 68 39.04 -2.56 13.08
C GLY A 68 38.15 -1.42 13.52
N THR A 69 38.48 -0.23 13.03
CA THR A 69 37.76 0.99 13.36
C THR A 69 37.46 1.74 12.06
N THR A 70 36.22 1.60 11.57
CA THR A 70 35.72 2.36 10.42
C THR A 70 36.53 2.08 9.15
N TYR A 71 37.33 1.02 9.15
CA TYR A 71 38.13 0.63 8.00
C TYR A 71 38.11 -0.88 7.82
N LEU A 72 37.99 -1.31 6.57
CA LEU A 72 37.98 -2.72 6.22
C LEU A 72 38.94 -2.95 5.07
N SER A 73 39.87 -3.89 5.25
CA SER A 73 40.87 -4.21 4.24
C SER A 73 40.39 -5.38 3.39
N THR A 74 40.70 -5.34 2.10
CA THR A 74 40.28 -6.40 1.19
C THR A 74 41.02 -7.71 1.48
N LEU A 75 42.26 -7.62 1.95
CA LEU A 75 43.03 -8.82 2.26
C LEU A 75 42.48 -9.60 3.44
N TRP A 76 41.60 -9.00 4.25
CA TRP A 76 41.01 -9.72 5.38
C TRP A 76 40.02 -10.78 4.91
N TYR A 77 39.44 -10.62 3.72
CA TYR A 77 38.44 -11.53 3.20
C TYR A 77 39.02 -12.53 2.20
N GLN A 78 40.33 -12.80 2.27
CA GLN A 78 40.98 -13.75 1.38
C GLN A 78 41.83 -14.72 2.21
N LYS A 79 42.61 -15.54 1.51
CA LYS A 79 43.52 -16.46 2.17
C LYS A 79 44.61 -15.68 2.91
N PRO A 80 45.08 -16.18 4.07
CA PRO A 80 44.67 -17.42 4.74
C PRO A 80 43.51 -17.27 5.70
N PHE A 81 42.83 -16.12 5.67
CA PHE A 81 41.69 -15.91 6.56
C PHE A 81 40.46 -16.69 6.14
N LEU A 82 40.39 -17.13 4.88
CA LEU A 82 39.31 -17.97 4.39
C LEU A 82 39.87 -19.39 4.25
N SER A 83 39.80 -20.16 5.33
CA SER A 83 40.41 -21.48 5.40
C SER A 83 39.45 -22.54 4.87
N ASP A 84 40.01 -23.71 4.57
CA ASP A 84 39.25 -24.82 4.02
C ASP A 84 38.70 -25.68 5.15
N PHE A 85 37.40 -26.00 5.07
CA PHE A 85 36.74 -26.85 6.06
C PHE A 85 36.75 -28.28 5.54
N ASN A 86 37.88 -28.96 5.73
CA ASN A 86 38.05 -30.30 5.20
C ASN A 86 37.23 -31.31 6.01
N ASN A 87 37.55 -31.46 7.29
CA ASN A 87 36.85 -32.38 8.17
C ASN A 87 36.22 -31.72 9.39
N GLY A 88 36.86 -30.70 9.94
CA GLY A 88 36.31 -30.03 11.10
C GLY A 88 37.37 -29.19 11.78
N ILE A 89 36.91 -28.42 12.77
CA ILE A 89 37.76 -27.50 13.52
C ILE A 89 37.40 -27.57 15.00
N PHE A 90 38.41 -27.33 15.84
CA PHE A 90 38.23 -27.19 17.27
C PHE A 90 38.71 -25.80 17.67
N SER A 91 37.81 -24.98 18.21
CA SER A 91 38.09 -23.58 18.45
C SER A 91 37.96 -23.24 19.92
N ARG A 92 38.91 -22.44 20.42
CA ARG A 92 38.86 -21.88 21.76
C ARG A 92 38.65 -20.38 21.65
N VAL A 93 37.58 -19.89 22.28
CA VAL A 93 37.17 -18.50 22.16
C VAL A 93 37.36 -17.80 23.49
N LYS A 94 37.85 -16.56 23.44
CA LYS A 94 38.04 -15.74 24.63
C LYS A 94 36.84 -14.81 24.79
N ASN A 95 36.21 -14.85 25.95
CA ASN A 95 35.05 -14.01 26.25
C ASN A 95 35.53 -12.62 26.64
N THR A 96 35.29 -11.64 25.78
CA THR A 96 35.69 -10.26 26.05
C THR A 96 34.61 -9.58 26.90
N LYS A 97 35.02 -9.00 28.01
CA LYS A 97 34.12 -8.38 28.96
C LYS A 97 34.25 -6.86 28.90
N LEU A 98 33.12 -6.17 28.76
CA LEU A 98 33.08 -4.72 28.72
C LEU A 98 32.13 -4.22 29.79
N TYR A 99 32.47 -3.08 30.39
CA TYR A 99 31.68 -2.48 31.45
C TYR A 99 31.15 -1.12 31.00
N VAL A 100 29.83 -0.97 31.04
CA VAL A 100 29.16 0.29 30.74
C VAL A 100 28.37 0.69 31.98
N ASN A 101 28.88 1.66 32.73
CA ASN A 101 28.30 2.06 34.01
C ASN A 101 28.21 0.88 34.96
N LYS A 102 29.31 0.14 35.07
CA LYS A 102 29.42 -1.02 35.96
C LYS A 102 28.39 -2.10 35.62
N THR A 103 28.17 -2.30 34.32
CA THR A 103 27.31 -3.37 33.83
C THR A 103 28.11 -4.24 32.87
N LEU A 104 28.14 -5.54 33.12
CA LEU A 104 28.98 -6.45 32.36
C LEU A 104 28.31 -6.81 31.04
N TYR A 105 29.08 -6.74 29.96
CA TYR A 105 28.64 -7.14 28.63
C TYR A 105 29.61 -8.18 28.07
N SER A 106 29.07 -9.19 27.40
CA SER A 106 29.86 -10.27 26.82
C SER A 106 29.67 -10.29 25.31
N GLU A 107 30.77 -10.42 24.58
CA GLU A 107 30.71 -10.48 23.13
C GLU A 107 32.01 -11.08 22.61
N PHE A 108 31.90 -11.81 21.50
CA PHE A 108 33.05 -12.37 20.82
C PHE A 108 32.73 -12.50 19.34
N SER A 109 33.70 -12.96 18.57
CA SER A 109 33.57 -13.00 17.12
C SER A 109 32.58 -14.08 16.68
N THR A 110 31.95 -13.83 15.55
CA THR A 110 31.00 -14.76 14.95
C THR A 110 31.64 -15.49 13.79
N ILE A 111 31.19 -16.72 13.55
CA ILE A 111 31.75 -17.59 12.52
C ILE A 111 30.66 -17.97 11.54
N VAL A 112 31.04 -18.05 10.26
CA VAL A 112 30.13 -18.44 9.20
C VAL A 112 30.73 -19.63 8.46
N ILE A 113 29.88 -20.61 8.15
CA ILE A 113 30.30 -21.83 7.48
C ILE A 113 29.40 -22.05 6.27
N GLY A 114 30.00 -22.23 5.10
CA GLY A 114 29.23 -22.45 3.89
C GLY A 114 30.09 -23.01 2.79
N SER A 115 29.54 -22.99 1.57
CA SER A 115 30.22 -23.49 0.39
C SER A 115 30.50 -22.37 -0.62
N VAL A 116 29.48 -21.62 -1.02
CA VAL A 116 29.66 -20.55 -2.00
C VAL A 116 29.09 -19.25 -1.44
N PHE A 117 28.35 -19.35 -0.35
CA PHE A 117 27.80 -18.19 0.36
C PHE A 117 26.87 -17.37 -0.54
N ILE A 118 26.02 -18.08 -1.29
CA ILE A 118 25.01 -17.45 -2.12
C ILE A 118 23.63 -17.88 -1.61
N ASN A 119 22.59 -17.22 -2.11
CA ASN A 119 21.23 -17.51 -1.68
C ASN A 119 20.63 -18.74 -2.37
N ASN A 120 21.46 -19.57 -3.00
CA ASN A 120 21.01 -20.84 -3.55
C ASN A 120 21.54 -22.02 -2.74
N SER A 121 22.30 -21.75 -1.69
CA SER A 121 22.85 -22.78 -0.81
C SER A 121 22.66 -22.36 0.63
N TYR A 122 22.88 -23.30 1.54
CA TYR A 122 22.72 -23.08 2.97
C TYR A 122 24.05 -22.69 3.59
N THR A 123 24.03 -21.64 4.41
CA THR A 123 25.21 -21.19 5.14
C THR A 123 24.88 -21.09 6.62
N ILE A 124 25.78 -21.61 7.45
CA ILE A 124 25.57 -21.71 8.89
C ILE A 124 26.22 -20.51 9.57
N VAL A 125 25.47 -19.82 10.41
CA VAL A 125 25.94 -18.63 11.12
C VAL A 125 25.71 -18.83 12.61
N VAL A 126 26.73 -18.53 13.41
CA VAL A 126 26.66 -18.61 14.86
C VAL A 126 27.02 -17.24 15.42
N GLN A 127 26.06 -16.57 16.06
CA GLN A 127 26.26 -15.24 16.57
C GLN A 127 25.70 -15.11 17.98
N PRO A 128 26.49 -14.61 18.93
CA PRO A 128 25.98 -14.39 20.29
C PRO A 128 25.41 -13.00 20.48
N HIS A 129 24.40 -12.91 21.36
CA HIS A 129 23.78 -11.63 21.71
C HIS A 129 23.73 -11.52 23.24
N ASN A 130 24.85 -11.08 23.83
CA ASN A 130 24.97 -10.78 25.25
C ASN A 130 24.30 -11.85 26.12
N GLY A 131 24.82 -13.07 26.03
CA GLY A 131 24.38 -14.18 26.86
C GLY A 131 23.63 -15.25 26.12
N VAL A 132 22.95 -14.92 25.02
CA VAL A 132 22.22 -15.90 24.23
C VAL A 132 22.99 -16.15 22.94
N LEU A 133 22.96 -17.39 22.47
CA LEU A 133 23.68 -17.80 21.26
C LEU A 133 22.65 -18.25 20.22
N GLU A 134 22.75 -17.67 19.02
CA GLU A 134 21.80 -17.92 17.95
C GLU A 134 22.48 -18.66 16.81
N ILE A 135 21.81 -19.68 16.29
CA ILE A 135 22.27 -20.46 15.15
C ILE A 135 21.19 -20.42 14.09
N THR A 136 21.57 -20.11 12.85
CA THR A 136 20.61 -19.91 11.77
C THR A 136 20.66 -21.02 10.73
N ALA A 137 21.80 -21.22 10.08
CA ALA A 137 21.96 -22.21 9.01
C ALA A 137 20.85 -22.06 7.96
N CYS A 138 20.84 -20.90 7.32
CA CYS A 138 19.80 -20.51 6.38
C CYS A 138 20.41 -20.20 5.02
N GLN A 139 19.56 -19.80 4.08
CA GLN A 139 20.00 -19.37 2.74
C GLN A 139 20.07 -17.85 2.73
N TYR A 140 21.18 -17.33 3.22
CA TYR A 140 21.36 -15.89 3.37
C TYR A 140 22.07 -15.30 2.16
N THR A 141 21.67 -14.09 1.79
CA THR A 141 22.34 -13.33 0.73
C THR A 141 23.48 -12.57 1.39
N MET A 142 24.63 -13.22 1.45
CA MET A 142 25.76 -12.69 2.20
C MET A 142 26.38 -11.49 1.49
N CYS A 143 26.70 -10.45 2.25
CA CYS A 143 27.43 -9.31 1.71
C CYS A 143 28.79 -9.75 1.20
N GLU A 144 29.34 -8.98 0.26
CA GLU A 144 30.70 -9.25 -0.20
C GLU A 144 31.74 -8.86 0.83
N TYR A 145 31.44 -7.88 1.68
CA TYR A 145 32.34 -7.44 2.76
C TYR A 145 31.54 -7.39 4.05
N PRO A 146 31.30 -8.54 4.69
CA PRO A 146 30.51 -8.56 5.92
C PRO A 146 31.34 -8.21 7.15
N HIS A 147 30.63 -7.76 8.19
CA HIS A 147 31.27 -7.40 9.44
C HIS A 147 30.20 -7.40 10.54
N THR A 148 30.67 -7.27 11.78
CA THR A 148 29.79 -7.23 12.94
C THR A 148 30.19 -6.06 13.83
N ILE A 149 29.20 -5.47 14.49
CA ILE A 149 29.41 -4.32 15.35
C ILE A 149 29.12 -4.71 16.79
N CYS A 150 29.66 -3.93 17.72
CA CYS A 150 29.44 -4.12 19.15
C CYS A 150 28.26 -3.28 19.59
N LYS A 151 27.32 -3.88 20.32
CA LYS A 151 26.14 -3.14 20.77
C LYS A 151 26.53 -2.13 21.85
N SER A 152 27.24 -2.55 22.88
CA SER A 152 27.71 -1.63 23.90
C SER A 152 28.88 -0.82 23.35
N LYS A 153 28.78 0.51 23.45
CA LYS A 153 29.77 1.43 22.90
C LYS A 153 29.93 1.20 21.39
N GLY A 154 28.84 1.44 20.67
CA GLY A 154 28.74 1.16 19.25
C GLY A 154 29.84 1.77 18.39
N SER A 155 30.02 1.23 17.19
CA SER A 155 31.06 1.67 16.27
C SER A 155 30.49 2.65 15.25
N SER A 156 31.35 3.06 14.31
CA SER A 156 30.93 4.01 13.28
C SER A 156 30.10 3.33 12.20
N ARG A 157 30.37 2.06 11.90
CA ARG A 157 29.63 1.35 10.87
C ARG A 157 28.37 0.73 11.45
N ASN A 158 27.53 0.20 10.55
CA ASN A 158 26.33 -0.53 10.92
C ASN A 158 26.55 -2.02 10.68
N GLU A 159 25.82 -2.84 11.44
CA GLU A 159 25.89 -4.28 11.26
C GLU A 159 25.29 -4.66 9.91
N SER A 160 26.14 -5.09 8.98
CA SER A 160 25.69 -5.42 7.63
C SER A 160 26.48 -6.64 7.16
N TRP A 161 25.88 -7.82 7.28
CA TRP A 161 26.46 -9.05 6.75
C TRP A 161 25.54 -9.80 5.81
N HIS A 162 24.24 -9.48 5.77
CA HIS A 162 23.32 -10.08 4.84
C HIS A 162 22.22 -9.08 4.51
N PHE A 163 21.65 -9.21 3.31
CA PHE A 163 20.58 -8.33 2.86
C PHE A 163 19.38 -9.17 2.46
N ASP A 164 18.39 -9.23 3.33
CA ASP A 164 17.17 -9.99 3.07
C ASP A 164 15.99 -9.23 3.66
N LYS A 165 15.09 -8.76 2.80
CA LYS A 165 13.90 -8.06 3.29
C LYS A 165 13.00 -8.98 4.10
N SER A 166 12.84 -10.22 3.63
CA SER A 166 12.06 -11.22 4.33
C SER A 166 12.95 -12.38 4.73
N GLU A 167 12.52 -13.13 5.74
CA GLU A 167 13.30 -14.26 6.22
C GLU A 167 13.34 -15.35 5.15
N PRO A 168 14.53 -15.76 4.71
CA PRO A 168 14.61 -16.80 3.68
C PRO A 168 14.29 -18.19 4.22
N LEU A 169 14.42 -19.20 3.35
CA LEU A 169 14.07 -20.57 3.72
C LEU A 169 15.20 -21.17 4.57
N CYS A 170 14.92 -21.44 5.84
CA CYS A 170 15.88 -22.01 6.75
C CYS A 170 15.47 -23.43 7.15
N LEU A 171 16.47 -24.24 7.51
CA LEU A 171 16.23 -25.61 7.92
C LEU A 171 16.34 -25.82 9.43
N PHE A 172 16.88 -24.84 10.16
CA PHE A 172 17.06 -24.97 11.60
C PHE A 172 17.04 -23.58 12.23
N LYS A 173 16.57 -23.52 13.47
CA LYS A 173 16.58 -22.26 14.23
C LYS A 173 16.35 -22.54 15.70
N LYS A 174 17.27 -22.07 16.55
CA LYS A 174 17.17 -22.29 17.99
C LYS A 174 18.14 -21.35 18.70
N ASN A 175 17.82 -21.03 19.95
CA ASN A 175 18.63 -20.15 20.77
C ASN A 175 19.18 -20.92 21.97
N PHE A 176 20.45 -20.68 22.28
CA PHE A 176 21.10 -21.30 23.42
C PHE A 176 21.69 -20.21 24.31
N THR A 177 21.84 -20.53 25.59
CA THR A 177 22.34 -19.58 26.58
C THR A 177 23.68 -20.06 27.13
N TYR A 178 24.54 -19.11 27.47
CA TYR A 178 25.85 -19.42 28.03
C TYR A 178 26.12 -18.51 29.21
N ASN A 179 27.12 -18.89 30.00
CA ASN A 179 27.50 -18.13 31.19
C ASN A 179 28.22 -16.85 30.78
N VAL A 180 27.77 -15.71 31.32
CA VAL A 180 28.31 -14.41 30.94
C VAL A 180 29.65 -14.11 31.60
N SER A 181 29.94 -14.71 32.75
CA SER A 181 31.16 -14.42 33.49
C SER A 181 32.31 -15.34 33.14
N THR A 182 32.17 -16.19 32.13
CA THR A 182 33.26 -17.08 31.73
C THR A 182 34.37 -16.30 31.03
N ASP A 183 35.53 -16.94 30.92
CA ASP A 183 36.67 -16.35 30.25
C ASP A 183 37.15 -17.11 29.03
N TRP A 184 36.76 -18.38 28.87
CA TRP A 184 37.12 -19.17 27.70
C TRP A 184 35.92 -20.00 27.26
N LEU A 185 35.80 -20.16 25.95
CA LEU A 185 34.68 -20.88 25.36
C LEU A 185 35.21 -21.81 24.28
N TYR A 186 34.67 -23.02 24.22
CA TYR A 186 35.14 -24.06 23.32
C TYR A 186 34.02 -24.50 22.40
N PHE A 187 34.40 -24.95 21.19
CA PHE A 187 33.44 -25.40 20.19
C PHE A 187 34.00 -26.60 19.44
N HIS A 188 33.10 -27.41 18.90
CA HIS A 188 33.44 -28.50 18.00
C HIS A 188 32.50 -28.45 16.80
N PHE A 189 33.07 -28.45 15.59
CA PHE A 189 32.30 -28.50 14.36
C PHE A 189 32.94 -29.51 13.42
N TYR A 190 32.12 -30.39 12.85
CA TYR A 190 32.61 -31.36 11.87
C TYR A 190 31.42 -31.92 11.10
N GLN A 191 31.72 -32.53 9.96
CA GLN A 191 30.71 -33.11 9.09
C GLN A 191 31.09 -34.55 8.76
N GLU A 192 30.07 -35.39 8.58
CA GLU A 192 30.28 -36.80 8.27
C GLU A 192 29.06 -37.33 7.54
N ARG A 193 29.25 -37.75 6.29
CA ARG A 193 28.18 -38.34 5.48
C ARG A 193 27.01 -37.38 5.31
N GLY A 194 27.32 -36.10 5.05
CA GLY A 194 26.29 -35.11 4.79
C GLY A 194 25.58 -34.58 6.01
N THR A 195 26.00 -34.95 7.21
CA THR A 195 25.40 -34.46 8.44
C THR A 195 26.37 -33.54 9.17
N PHE A 196 25.83 -32.47 9.74
CA PHE A 196 26.62 -31.45 10.43
C PHE A 196 26.39 -31.55 11.93
N TYR A 197 27.47 -31.53 12.70
CA TYR A 197 27.41 -31.63 14.15
C TYR A 197 28.08 -30.41 14.78
N ALA A 198 27.53 -29.95 15.90
CA ALA A 198 28.06 -28.79 16.61
C ALA A 198 28.10 -29.08 18.10
N TYR A 199 29.13 -28.58 18.76
CA TYR A 199 29.31 -28.76 20.20
C TYR A 199 29.82 -27.45 20.81
N TYR A 200 29.59 -27.29 22.11
CA TYR A 200 30.02 -26.08 22.82
C TYR A 200 30.14 -26.39 24.31
N ALA A 201 30.89 -25.53 25.01
CA ALA A 201 31.09 -25.68 26.45
C ALA A 201 31.50 -24.34 27.03
N ASP A 202 31.01 -24.07 28.24
CA ASP A 202 31.29 -22.81 28.91
C ASP A 202 32.60 -22.82 29.68
N SER A 203 33.01 -23.97 30.21
CA SER A 203 34.22 -24.04 31.01
C SER A 203 35.19 -25.09 30.47
N GLY A 204 36.25 -25.37 31.22
CA GLY A 204 37.23 -26.36 30.80
C GLY A 204 36.75 -27.79 30.98
N MET A 205 35.65 -28.12 30.34
CA MET A 205 35.04 -29.44 30.40
C MET A 205 34.76 -29.92 28.99
N PRO A 206 34.51 -31.22 28.81
CA PRO A 206 34.07 -31.71 27.48
C PRO A 206 32.82 -31.00 27.00
N THR A 207 32.72 -30.80 25.69
CA THR A 207 31.69 -29.95 25.11
C THR A 207 30.34 -30.65 25.09
N THR A 208 29.30 -29.86 24.87
CA THR A 208 27.91 -30.31 24.91
C THR A 208 27.31 -30.30 23.51
N PHE A 209 26.52 -31.33 23.20
CA PHE A 209 25.89 -31.46 21.90
C PHE A 209 24.89 -30.33 21.66
N LEU A 210 24.82 -29.88 20.41
CA LEU A 210 23.93 -28.78 20.02
C LEU A 210 22.81 -29.23 19.10
N PHE A 211 23.13 -29.81 17.95
CA PHE A 211 22.12 -30.19 16.96
C PHE A 211 22.79 -30.99 15.85
N SER A 212 21.95 -31.62 15.04
CA SER A 212 22.39 -32.33 13.85
C SER A 212 21.51 -31.90 12.67
N LEU A 213 22.14 -31.72 11.51
CA LEU A 213 21.43 -31.26 10.33
C LEU A 213 21.92 -32.02 9.11
N TYR A 214 21.00 -32.62 8.36
CA TYR A 214 21.33 -33.34 7.14
C TYR A 214 21.18 -32.41 5.95
N LEU A 215 22.29 -32.15 5.27
CA LEU A 215 22.32 -31.25 4.12
C LEU A 215 22.53 -31.98 2.80
N GLY A 216 23.46 -32.93 2.75
CA GLY A 216 23.79 -33.62 1.53
C GLY A 216 24.88 -32.97 0.70
N THR A 217 25.23 -31.72 1.00
CA THR A 217 26.28 -31.01 0.30
C THR A 217 27.50 -30.86 1.20
N LEU A 218 28.68 -30.91 0.60
CA LEU A 218 29.93 -30.85 1.35
C LEU A 218 30.26 -29.39 1.67
N LEU A 219 30.38 -29.08 2.96
CA LEU A 219 30.84 -27.77 3.38
C LEU A 219 32.36 -27.70 3.30
N SER A 220 32.88 -26.64 2.67
CA SER A 220 34.30 -26.55 2.39
C SER A 220 34.99 -25.31 2.93
N HIS A 221 34.27 -24.25 3.24
CA HIS A 221 34.89 -23.00 3.67
C HIS A 221 34.22 -22.47 4.93
N TYR A 222 35.04 -21.95 5.85
CA TYR A 222 34.56 -21.25 7.02
C TYR A 222 35.32 -19.94 7.16
N TYR A 223 34.68 -18.94 7.76
CA TYR A 223 35.26 -17.61 7.88
C TYR A 223 34.80 -16.98 9.18
N VAL A 224 35.67 -16.18 9.78
CA VAL A 224 35.37 -15.44 11.00
C VAL A 224 35.14 -13.98 10.62
N LEU A 225 33.97 -13.47 10.95
CA LEU A 225 33.61 -12.11 10.57
C LEU A 225 34.36 -11.10 11.44
N PRO A 226 34.93 -10.06 10.86
CA PRO A 226 35.61 -9.04 11.68
C PRO A 226 34.63 -8.23 12.52
N LEU A 227 35.11 -7.77 13.67
CA LEU A 227 34.31 -7.00 14.60
C LEU A 227 34.80 -5.56 14.65
N THR A 228 33.87 -4.62 14.48
CA THR A 228 34.18 -3.20 14.51
C THR A 228 33.65 -2.60 15.81
N CYS A 229 34.54 -1.99 16.58
CA CYS A 229 34.17 -1.41 17.86
C CYS A 229 35.11 -0.27 18.18
N ASN A 230 34.72 0.54 19.17
CA ASN A 230 35.49 1.71 19.58
C ASN A 230 36.03 1.59 21.00
N ALA A 231 36.00 0.40 21.60
CA ALA A 231 36.43 0.24 22.98
C ALA A 231 37.42 -0.91 23.14
N ILE A 232 37.40 -1.86 22.22
CA ILE A 232 38.25 -3.05 22.32
C ILE A 232 39.65 -2.71 21.85
N SER A 233 39.88 -1.45 21.47
CA SER A 233 41.20 -1.03 21.05
C SER A 233 42.15 -1.01 22.25
N SER A 234 43.45 -1.00 21.94
CA SER A 234 44.49 -0.97 22.95
C SER A 234 44.79 0.43 23.48
N ASN A 235 43.90 1.39 23.22
CA ASN A 235 44.10 2.77 23.66
C ASN A 235 43.22 3.16 24.83
N THR A 236 42.06 2.51 25.00
CA THR A 236 41.13 2.89 26.06
C THR A 236 40.83 1.77 27.06
N ASP A 237 40.85 0.51 26.65
CA ASP A 237 40.52 -0.59 27.56
C ASP A 237 41.63 -1.63 27.70
N ASN A 238 42.59 -1.70 26.78
CA ASN A 238 43.65 -2.71 26.82
C ASN A 238 43.08 -4.12 26.82
N GLU A 239 42.07 -4.33 25.97
CA GLU A 239 41.47 -5.64 25.77
C GLU A 239 41.73 -6.11 24.34
N THR A 240 41.67 -7.43 24.15
CA THR A 240 41.97 -8.03 22.86
C THR A 240 40.94 -9.10 22.55
N LEU A 241 40.77 -9.37 21.26
CA LEU A 241 39.92 -10.44 20.77
C LEU A 241 40.78 -11.62 20.35
N GLN A 242 40.41 -12.81 20.79
CA GLN A 242 41.18 -14.01 20.51
C GLN A 242 40.25 -15.13 20.06
N TYR A 243 40.60 -15.76 18.94
CA TYR A 243 39.80 -16.85 18.39
C TYR A 243 40.77 -17.82 17.72
N TRP A 244 41.16 -18.87 18.44
CA TRP A 244 42.09 -19.87 17.95
C TRP A 244 41.35 -21.06 17.36
N VAL A 245 41.96 -21.68 16.35
CA VAL A 245 41.35 -22.79 15.63
C VAL A 245 42.43 -23.82 15.32
N THR A 246 42.11 -25.09 15.51
CA THR A 246 42.99 -26.19 15.14
C THR A 246 42.23 -27.20 14.29
N PRO A 247 42.90 -27.82 13.32
CA PRO A 247 42.23 -28.79 12.46
C PRO A 247 41.84 -30.05 13.20
N LEU A 248 40.87 -30.77 12.63
CA LEU A 248 40.35 -32.01 13.18
C LEU A 248 40.64 -33.16 12.24
N SER A 249 40.64 -34.37 12.80
CA SER A 249 40.89 -35.59 12.04
C SER A 249 40.25 -36.77 12.75
N LYS A 250 40.07 -37.86 12.01
CA LYS A 250 39.48 -39.08 12.55
C LYS A 250 40.54 -39.86 13.31
N ARG A 251 40.40 -39.93 14.63
CA ARG A 251 41.33 -40.66 15.49
C ARG A 251 40.52 -41.55 16.43
N GLN A 252 41.23 -42.27 17.29
CA GLN A 252 40.63 -43.17 18.26
C GLN A 252 41.03 -42.75 19.67
N TYR A 253 40.03 -42.60 20.54
CA TYR A 253 40.25 -42.15 21.90
C TYR A 253 39.69 -43.16 22.89
N LEU A 254 40.22 -43.12 24.12
CA LEU A 254 39.77 -43.96 25.21
C LEU A 254 39.16 -43.06 26.27
N LEU A 255 37.84 -43.17 26.47
CA LEU A 255 37.10 -42.30 27.37
C LEU A 255 36.82 -43.01 28.68
N LYS A 256 36.86 -42.27 29.77
CA LYS A 256 36.61 -42.79 31.10
C LYS A 256 35.46 -42.01 31.73
N PHE A 257 34.44 -42.75 32.19
CA PHE A 257 33.27 -42.15 32.81
C PHE A 257 33.19 -42.57 34.28
N ASP A 258 32.71 -41.67 35.12
CA ASP A 258 32.56 -41.94 36.54
C ASP A 258 31.16 -42.47 36.82
N ASN A 259 30.79 -42.55 38.09
CA ASN A 259 29.49 -43.08 38.49
C ASN A 259 28.33 -42.13 38.17
N ARG A 260 28.61 -40.92 37.68
CA ARG A 260 27.57 -39.95 37.37
C ARG A 260 27.59 -39.50 35.91
N GLY A 261 28.49 -40.05 35.10
CA GLY A 261 28.54 -39.71 33.69
C GLY A 261 29.53 -38.63 33.32
N VAL A 262 30.36 -38.18 34.25
CA VAL A 262 31.34 -37.15 33.96
C VAL A 262 32.62 -37.79 33.43
N ILE A 263 33.20 -37.20 32.39
CA ILE A 263 34.44 -37.70 31.81
C ILE A 263 35.59 -37.34 32.75
N THR A 264 36.38 -38.34 33.13
CA THR A 264 37.50 -38.15 34.04
C THR A 264 38.84 -38.08 33.33
N ASN A 265 39.16 -39.07 32.51
CA ASN A 265 40.42 -39.09 31.77
C ASN A 265 40.15 -39.52 30.33
N ALA A 266 41.07 -39.14 29.45
CA ALA A 266 40.99 -39.51 28.03
C ALA A 266 42.39 -39.71 27.50
N VAL A 267 42.55 -40.73 26.66
CA VAL A 267 43.85 -41.11 26.09
C VAL A 267 43.77 -40.96 24.58
N ASP A 268 44.77 -40.30 24.00
CA ASP A 268 44.81 -40.10 22.55
C ASP A 268 45.13 -41.40 21.80
N CYS A 269 45.83 -42.33 22.44
CA CYS A 269 46.19 -43.65 21.92
C CYS A 269 47.18 -43.57 20.75
N SER A 270 47.60 -42.37 20.33
CA SER A 270 48.55 -42.25 19.23
C SER A 270 49.58 -41.16 19.52
N SER A 271 49.90 -40.95 20.80
CA SER A 271 50.88 -39.93 21.18
C SER A 271 52.16 -40.58 21.69
N ILE B 147 -20.85 28.42 -31.98
CA ILE B 147 -21.05 27.07 -31.47
C ILE B 147 -19.71 26.34 -31.41
N VAL B 148 -19.34 25.90 -30.22
CA VAL B 148 -18.08 25.19 -30.00
C VAL B 148 -18.37 23.69 -29.94
N GLY B 149 -17.58 22.90 -30.65
CA GLY B 149 -17.77 21.46 -30.65
C GLY B 149 -18.98 21.00 -31.41
N GLY B 150 -19.29 21.63 -32.54
CA GLY B 150 -20.44 21.25 -33.33
C GLY B 150 -20.08 20.85 -34.74
N GLU B 151 -20.92 20.04 -35.37
CA GLU B 151 -20.72 19.59 -36.73
C GLU B 151 -21.46 20.49 -37.72
N SER B 152 -20.94 20.57 -38.94
CA SER B 152 -21.58 21.38 -39.96
C SER B 152 -22.92 20.80 -40.36
N ALA B 153 -23.90 21.68 -40.54
CA ALA B 153 -25.26 21.28 -40.86
C ALA B 153 -25.43 21.16 -42.37
N LEU B 154 -25.97 20.04 -42.83
CA LEU B 154 -26.22 19.85 -44.25
C LEU B 154 -27.35 20.78 -44.71
N PRO B 155 -27.35 21.15 -45.98
CA PRO B 155 -28.43 22.01 -46.49
C PRO B 155 -29.79 21.33 -46.37
N GLY B 156 -30.78 22.11 -45.95
CA GLY B 156 -32.12 21.58 -45.76
C GLY B 156 -32.31 20.86 -44.44
N ALA B 157 -31.59 21.27 -43.40
CA ALA B 157 -31.70 20.65 -42.08
C ALA B 157 -32.46 21.53 -41.08
N TRP B 158 -32.11 22.81 -40.99
CA TRP B 158 -32.77 23.77 -40.10
C TRP B 158 -33.25 24.94 -40.95
N PRO B 159 -34.39 24.79 -41.63
CA PRO B 159 -34.89 25.82 -42.54
C PRO B 159 -35.59 26.99 -41.85
N TRP B 160 -34.94 27.52 -40.79
CA TRP B 160 -35.47 28.69 -40.11
C TRP B 160 -34.38 29.65 -39.64
N GLN B 161 -33.13 29.44 -40.05
CA GLN B 161 -32.04 30.32 -39.64
C GLN B 161 -32.08 31.59 -40.46
N VAL B 162 -32.54 32.68 -39.85
CA VAL B 162 -32.62 33.98 -40.50
C VAL B 162 -31.46 34.83 -39.99
N SER B 163 -30.58 35.23 -40.89
CA SER B 163 -29.40 36.02 -40.56
C SER B 163 -29.67 37.49 -40.83
N LEU B 164 -29.54 38.32 -39.80
CA LEU B 164 -29.75 39.75 -39.92
C LEU B 164 -28.44 40.43 -40.28
N HIS B 165 -28.44 41.19 -41.38
CA HIS B 165 -27.26 41.87 -41.87
C HIS B 165 -27.42 43.37 -41.68
N VAL B 166 -26.47 43.97 -40.94
CA VAL B 166 -26.44 45.40 -40.70
C VAL B 166 -25.08 45.92 -41.16
N GLN B 167 -25.09 47.03 -41.89
CA GLN B 167 -23.88 47.62 -42.46
C GLN B 167 -23.16 46.62 -43.38
N ASN B 168 -23.95 45.89 -44.18
CA ASN B 168 -23.42 44.96 -45.18
C ASN B 168 -22.59 43.85 -44.53
N VAL B 169 -23.01 43.40 -43.35
CA VAL B 169 -22.36 42.29 -42.66
C VAL B 169 -23.33 41.73 -41.64
N HIS B 170 -23.35 40.40 -41.53
CA HIS B 170 -24.23 39.74 -40.57
C HIS B 170 -23.76 40.00 -39.15
N VAL B 171 -24.71 40.22 -38.25
CA VAL B 171 -24.41 40.52 -36.86
C VAL B 171 -25.10 39.54 -35.94
N CYS B 172 -26.40 39.35 -36.11
CA CYS B 172 -27.20 38.50 -35.24
C CYS B 172 -28.11 37.60 -36.07
N GLY B 173 -28.52 36.49 -35.47
CA GLY B 173 -29.43 35.57 -36.11
C GLY B 173 -30.88 35.87 -35.79
N GLY B 174 -31.73 34.87 -35.99
CA GLY B 174 -33.14 35.02 -35.72
C GLY B 174 -33.88 33.74 -36.02
N SER B 175 -35.20 33.81 -35.80
CA SER B 175 -36.10 32.69 -36.04
C SER B 175 -37.34 33.19 -36.75
N ILE B 176 -37.83 32.40 -37.71
CA ILE B 176 -39.01 32.74 -38.49
C ILE B 176 -40.15 31.82 -38.07
N ILE B 177 -41.26 32.42 -37.64
CA ILE B 177 -42.45 31.68 -37.25
C ILE B 177 -43.60 31.92 -38.24
N THR B 178 -43.70 33.13 -38.78
CA THR B 178 -44.70 33.49 -39.76
C THR B 178 -44.02 34.27 -40.86
N PRO B 179 -44.56 34.26 -42.08
CA PRO B 179 -43.91 34.98 -43.19
C PRO B 179 -43.84 36.49 -43.02
N GLU B 180 -44.31 37.02 -41.90
CA GLU B 180 -44.31 38.46 -41.70
C GLU B 180 -43.68 38.89 -40.38
N TRP B 181 -43.04 37.99 -39.65
CA TRP B 181 -42.41 38.34 -38.37
C TRP B 181 -41.20 37.46 -38.14
N ILE B 182 -40.15 38.05 -37.57
CA ILE B 182 -38.93 37.35 -37.21
C ILE B 182 -38.66 37.59 -35.73
N VAL B 183 -38.21 36.55 -35.03
CA VAL B 183 -37.96 36.60 -33.60
C VAL B 183 -36.45 36.58 -33.36
N THR B 184 -35.98 37.47 -32.48
CA THR B 184 -34.57 37.53 -32.13
C THR B 184 -34.45 38.19 -30.76
N ALA B 185 -33.23 38.56 -30.39
CA ALA B 185 -32.95 39.19 -29.11
C ALA B 185 -33.25 40.68 -29.16
N ALA B 186 -33.55 41.26 -28.00
CA ALA B 186 -33.91 42.67 -27.93
C ALA B 186 -32.73 43.57 -27.58
N HIS B 187 -31.73 43.03 -26.87
CA HIS B 187 -30.60 43.86 -26.46
C HIS B 187 -29.74 44.28 -27.64
N CYS B 188 -29.73 43.48 -28.72
CA CYS B 188 -28.96 43.86 -29.90
C CYS B 188 -29.70 44.85 -30.77
N VAL B 189 -31.02 44.99 -30.59
CA VAL B 189 -31.82 45.93 -31.37
C VAL B 189 -31.99 47.22 -30.58
N GLU B 190 -31.16 47.41 -29.56
CA GLU B 190 -31.25 48.60 -28.74
C GLU B 190 -30.70 49.82 -29.50
N LYS B 191 -30.89 50.99 -28.90
CA LYS B 191 -30.40 52.22 -29.50
C LYS B 191 -28.87 52.22 -29.58
N PRO B 192 -28.28 52.87 -30.59
CA PRO B 192 -28.97 53.59 -31.66
C PRO B 192 -29.40 52.71 -32.82
N LEU B 193 -29.19 51.40 -32.69
CA LEU B 193 -29.55 50.46 -33.75
C LEU B 193 -31.05 50.26 -33.86
N ASN B 194 -31.85 50.84 -32.97
CA ASN B 194 -33.30 50.70 -33.03
C ASN B 194 -33.89 51.55 -34.15
N ASN B 195 -33.72 51.12 -35.39
CA ASN B 195 -34.23 51.84 -36.55
C ASN B 195 -34.88 50.85 -37.50
N PRO B 196 -35.99 51.21 -38.14
CA PRO B 196 -36.62 50.28 -39.08
C PRO B 196 -35.75 49.95 -40.28
N TRP B 197 -35.06 50.94 -40.82
CA TRP B 197 -34.16 50.73 -41.95
C TRP B 197 -32.81 50.23 -41.43
N HIS B 198 -31.82 50.18 -42.32
CA HIS B 198 -30.46 49.74 -41.99
C HIS B 198 -30.44 48.31 -41.45
N TRP B 199 -31.34 47.47 -41.95
CA TRP B 199 -31.40 46.06 -41.54
C TRP B 199 -31.76 45.22 -42.76
N THR B 200 -30.92 44.25 -43.08
CA THR B 200 -31.13 43.35 -44.20
C THR B 200 -31.23 41.93 -43.69
N ALA B 201 -32.27 41.21 -44.12
CA ALA B 201 -32.52 39.84 -43.70
C ALA B 201 -32.25 38.88 -44.85
N PHE B 202 -31.35 37.94 -44.63
CA PHE B 202 -31.01 36.91 -45.62
C PHE B 202 -31.55 35.57 -45.15
N ALA B 203 -32.38 34.94 -45.98
CA ALA B 203 -32.99 33.66 -45.66
C ALA B 203 -32.60 32.63 -46.70
N GLY B 204 -32.41 31.40 -46.24
CA GLY B 204 -32.05 30.30 -47.12
C GLY B 204 -30.59 30.24 -47.52
N ILE B 205 -29.77 31.17 -47.06
CA ILE B 205 -28.35 31.19 -47.39
C ILE B 205 -27.64 30.16 -46.53
N LEU B 206 -27.29 29.02 -47.13
CA LEU B 206 -26.61 27.95 -46.39
C LEU B 206 -25.14 28.26 -46.15
N ARG B 207 -24.60 29.32 -46.74
CA ARG B 207 -23.20 29.67 -46.56
C ARG B 207 -23.05 31.18 -46.71
N GLN B 208 -21.99 31.70 -46.08
CA GLN B 208 -21.72 33.14 -46.15
C GLN B 208 -21.16 33.55 -47.51
N SER B 209 -20.70 32.60 -48.32
CA SER B 209 -20.16 32.93 -49.63
C SER B 209 -21.24 33.46 -50.56
N PHE B 210 -22.41 32.79 -50.56
CA PHE B 210 -23.51 33.24 -51.41
C PHE B 210 -24.15 34.52 -50.90
N MET B 211 -23.87 34.92 -49.67
CA MET B 211 -24.44 36.14 -49.12
C MET B 211 -23.78 37.36 -49.76
N PHE B 212 -24.61 38.20 -50.39
CA PHE B 212 -24.14 39.40 -51.07
C PHE B 212 -25.32 40.35 -51.24
N TYR B 213 -25.13 41.38 -52.06
CA TYR B 213 -26.21 42.32 -52.34
C TYR B 213 -27.38 41.60 -53.01
N GLY B 214 -28.55 41.71 -52.40
CA GLY B 214 -29.72 40.99 -52.88
C GLY B 214 -30.19 39.93 -51.90
N ALA B 215 -31.24 40.22 -51.16
CA ALA B 215 -31.74 39.33 -50.13
C ALA B 215 -33.22 39.63 -49.90
N GLY B 216 -33.76 39.15 -48.79
CA GLY B 216 -35.15 39.38 -48.45
C GLY B 216 -35.53 40.85 -48.37
N TYR B 217 -36.83 41.12 -48.29
CA TYR B 217 -37.32 42.49 -48.30
C TYR B 217 -36.81 43.26 -47.09
N GLN B 218 -36.97 44.58 -47.14
CA GLN B 218 -36.52 45.45 -46.07
C GLN B 218 -37.31 45.17 -44.79
N VAL B 219 -36.63 45.32 -43.66
CA VAL B 219 -37.25 45.05 -42.36
C VAL B 219 -38.17 46.21 -41.99
N GLU B 220 -39.36 45.87 -41.51
CA GLU B 220 -40.32 46.87 -41.05
C GLU B 220 -39.95 47.32 -39.64
N LYS B 221 -40.86 48.07 -39.01
CA LYS B 221 -40.63 48.58 -37.67
C LYS B 221 -40.42 47.45 -36.68
N VAL B 222 -39.33 47.53 -35.92
CA VAL B 222 -38.96 46.50 -34.95
C VAL B 222 -39.70 46.77 -33.65
N ILE B 223 -40.32 45.73 -33.09
CA ILE B 223 -41.08 45.82 -31.86
C ILE B 223 -40.33 45.05 -30.78
N SER B 224 -40.01 45.72 -29.67
CA SER B 224 -39.33 45.12 -28.54
C SER B 224 -40.25 45.08 -27.33
N HIS B 225 -39.91 44.23 -26.38
CA HIS B 225 -40.71 44.10 -25.16
C HIS B 225 -40.52 45.35 -24.30
N PRO B 226 -41.60 46.08 -24.00
CA PRO B 226 -41.45 47.31 -23.19
C PRO B 226 -40.90 47.05 -21.80
N ASN B 227 -41.08 45.85 -21.26
CA ASN B 227 -40.61 45.50 -19.92
C ASN B 227 -39.15 45.06 -19.91
N TYR B 228 -38.40 45.36 -20.97
CA TYR B 228 -36.99 44.97 -21.01
C TYR B 228 -36.13 45.99 -20.29
N ASP B 229 -34.99 45.54 -19.80
CA ASP B 229 -34.03 46.37 -19.09
C ASP B 229 -32.63 46.13 -19.63
N SER B 230 -31.73 47.07 -19.35
CA SER B 230 -30.36 47.01 -19.83
C SER B 230 -29.40 46.45 -18.78
N LYS B 231 -29.40 47.03 -17.58
CA LYS B 231 -28.50 46.56 -16.53
C LYS B 231 -28.88 45.15 -16.08
N THR B 232 -30.16 44.91 -15.85
CA THR B 232 -30.65 43.60 -15.45
C THR B 232 -31.30 42.93 -16.64
N LYS B 233 -30.81 41.75 -17.01
CA LYS B 233 -31.32 41.02 -18.17
C LYS B 233 -32.69 40.45 -17.85
N ASN B 234 -33.71 40.89 -18.58
CA ASN B 234 -35.07 40.42 -18.39
C ASN B 234 -35.90 40.81 -19.60
N ASN B 235 -36.69 39.86 -20.10
CA ASN B 235 -37.57 40.08 -21.25
C ASN B 235 -36.78 40.54 -22.48
N ASP B 236 -35.86 39.68 -22.92
CA ASP B 236 -35.00 39.97 -24.07
C ASP B 236 -35.62 39.30 -25.29
N ILE B 237 -36.64 39.95 -25.85
CA ILE B 237 -37.35 39.44 -27.02
C ILE B 237 -37.68 40.62 -27.93
N ALA B 238 -37.36 40.48 -29.22
CA ALA B 238 -37.64 41.50 -30.21
C ALA B 238 -38.31 40.87 -31.43
N LEU B 239 -39.19 41.64 -32.07
CA LEU B 239 -39.92 41.19 -33.24
C LEU B 239 -39.62 42.11 -34.41
N MET B 240 -39.24 41.54 -35.54
CA MET B 240 -38.97 42.28 -36.76
C MET B 240 -39.92 41.79 -37.85
N LYS B 241 -40.60 42.74 -38.51
CA LYS B 241 -41.54 42.43 -39.58
C LYS B 241 -40.88 42.71 -40.93
N LEU B 242 -41.31 41.97 -41.95
CA LEU B 242 -40.79 42.12 -43.30
C LEU B 242 -41.83 42.79 -44.20
N GLN B 243 -41.33 43.53 -45.19
CA GLN B 243 -42.23 44.20 -46.13
C GLN B 243 -42.94 43.18 -47.02
N LYS B 244 -42.18 42.40 -47.77
CA LYS B 244 -42.75 41.37 -48.61
C LYS B 244 -42.86 40.06 -47.84
N PRO B 245 -43.88 39.25 -48.14
CA PRO B 245 -44.03 37.96 -47.45
C PRO B 245 -42.91 37.01 -47.80
N LEU B 246 -42.52 36.18 -46.82
CA LEU B 246 -41.46 35.21 -47.00
C LEU B 246 -42.00 34.01 -47.76
N THR B 247 -41.66 33.92 -49.04
CA THR B 247 -42.11 32.81 -49.87
C THR B 247 -41.46 31.51 -49.42
N PHE B 248 -42.26 30.52 -49.06
CA PHE B 248 -41.76 29.22 -48.59
C PHE B 248 -41.14 28.48 -49.75
N ASN B 249 -39.80 28.43 -49.78
CA ASN B 249 -39.06 27.72 -50.80
C ASN B 249 -38.95 26.24 -50.42
N ASP B 250 -38.10 25.52 -51.15
CA ASP B 250 -37.88 24.10 -50.87
C ASP B 250 -37.33 23.91 -49.47
N LEU B 251 -36.18 24.52 -49.18
CA LEU B 251 -35.57 24.45 -47.85
C LEU B 251 -35.99 25.61 -46.95
N VAL B 252 -37.30 25.86 -46.82
CA VAL B 252 -37.81 26.93 -45.98
C VAL B 252 -39.03 26.42 -45.22
N LYS B 253 -38.98 26.45 -43.89
CA LYS B 253 -40.08 26.00 -43.07
C LYS B 253 -40.06 26.70 -41.71
N PRO B 254 -41.12 27.42 -41.36
CA PRO B 254 -41.12 28.12 -40.07
C PRO B 254 -41.29 27.16 -38.90
N VAL B 255 -40.75 27.56 -37.75
CA VAL B 255 -40.86 26.74 -36.55
C VAL B 255 -42.21 27.00 -35.88
N CYS B 256 -42.66 26.03 -35.09
CA CYS B 256 -43.95 26.09 -34.42
C CYS B 256 -43.77 26.59 -33.00
N LEU B 257 -44.63 27.51 -32.58
CA LEU B 257 -44.59 28.06 -31.23
C LEU B 257 -45.14 27.05 -30.22
N PRO B 258 -44.56 27.00 -29.02
CA PRO B 258 -45.00 26.02 -28.03
C PRO B 258 -46.34 26.41 -27.42
N ASN B 259 -47.31 25.50 -27.49
CA ASN B 259 -48.60 25.75 -26.86
C ASN B 259 -48.44 25.72 -25.34
N PRO B 260 -49.19 26.56 -24.61
CA PRO B 260 -49.13 26.52 -23.14
C PRO B 260 -49.45 25.14 -22.59
N GLY B 261 -48.44 24.48 -22.01
CA GLY B 261 -48.59 23.12 -21.54
C GLY B 261 -47.96 22.13 -22.49
N MET B 262 -46.77 21.64 -22.15
CA MET B 262 -46.04 20.72 -23.01
C MET B 262 -45.43 19.54 -22.27
N MET B 263 -45.32 19.59 -20.95
CA MET B 263 -44.71 18.53 -20.15
C MET B 263 -43.27 18.27 -20.61
N LEU B 264 -42.44 19.31 -20.46
CA LEU B 264 -41.05 19.24 -20.87
C LEU B 264 -40.25 18.40 -19.89
N GLN B 265 -39.43 17.49 -20.41
CA GLN B 265 -38.58 16.68 -19.56
C GLN B 265 -37.53 17.56 -18.89
N PRO B 266 -37.22 17.32 -17.61
CA PRO B 266 -36.17 18.13 -16.95
C PRO B 266 -34.83 18.09 -17.69
N GLU B 267 -34.43 16.92 -18.19
CA GLU B 267 -33.21 16.78 -18.98
C GLU B 267 -33.64 16.30 -20.36
N GLN B 268 -33.97 17.25 -21.23
CA GLN B 268 -34.43 16.96 -22.58
C GLN B 268 -33.40 17.41 -23.61
N LEU B 269 -33.30 16.65 -24.69
CA LEU B 269 -32.35 16.93 -25.76
C LEU B 269 -32.87 18.07 -26.61
N CYS B 270 -31.99 19.05 -26.89
CA CYS B 270 -32.34 20.19 -27.71
C CYS B 270 -31.14 20.57 -28.56
N TRP B 271 -31.40 21.31 -29.64
CA TRP B 271 -30.39 21.69 -30.61
C TRP B 271 -30.22 23.20 -30.65
N ILE B 272 -28.98 23.64 -30.83
CA ILE B 272 -28.64 25.05 -31.02
C ILE B 272 -27.94 25.19 -32.36
N SER B 273 -28.23 26.27 -33.07
CA SER B 273 -27.65 26.51 -34.38
C SER B 273 -27.44 28.00 -34.59
N GLY B 274 -26.34 28.35 -35.24
CA GLY B 274 -26.05 29.75 -35.49
C GLY B 274 -24.66 29.89 -36.06
N TRP B 275 -24.34 31.12 -36.44
CA TRP B 275 -23.03 31.48 -37.01
C TRP B 275 -22.22 32.13 -35.89
N GLY B 276 -21.51 31.31 -35.13
CA GLY B 276 -20.74 31.75 -33.99
C GLY B 276 -19.25 31.56 -34.21
N ALA B 277 -18.57 31.17 -33.13
CA ALA B 277 -17.14 30.98 -33.14
C ALA B 277 -16.78 29.65 -32.48
N THR B 278 -15.48 29.31 -32.57
CA THR B 278 -14.98 28.09 -31.94
C THR B 278 -13.64 28.32 -31.26
N GLU B 279 -13.33 29.57 -30.90
CA GLU B 279 -12.06 29.92 -30.28
C GLU B 279 -12.29 31.10 -29.34
N GLU B 280 -11.21 31.75 -28.94
CA GLU B 280 -11.29 32.90 -28.05
C GLU B 280 -11.92 34.08 -28.76
N LYS B 281 -13.25 34.15 -28.65
CA LYS B 281 -14.10 35.19 -29.25
C LYS B 281 -14.09 35.00 -30.76
N GLY B 282 -13.31 34.08 -31.32
CA GLY B 282 -13.32 33.78 -32.74
C GLY B 282 -13.12 34.99 -33.63
N LYS B 283 -13.31 34.75 -34.94
CA LYS B 283 -13.34 35.82 -35.92
C LYS B 283 -14.71 35.94 -36.58
N THR B 284 -15.21 34.86 -37.17
CA THR B 284 -16.51 34.83 -37.84
C THR B 284 -16.93 33.40 -38.14
N SER B 285 -18.01 33.24 -38.89
CA SER B 285 -18.48 31.93 -39.34
C SER B 285 -18.93 32.03 -40.79
N GLU B 286 -18.51 31.05 -41.59
CA GLU B 286 -18.82 31.04 -43.02
C GLU B 286 -19.98 30.11 -43.37
N VAL B 287 -20.33 29.17 -42.50
CA VAL B 287 -21.40 28.21 -42.76
C VAL B 287 -22.15 27.95 -41.45
N LEU B 288 -23.23 27.19 -41.57
CA LEU B 288 -24.03 26.85 -40.40
C LEU B 288 -23.30 25.84 -39.53
N ASN B 289 -23.43 26.01 -38.21
CA ASN B 289 -22.82 25.10 -37.25
C ASN B 289 -23.83 24.82 -36.16
N ALA B 290 -24.11 23.54 -35.92
CA ALA B 290 -25.13 23.14 -34.96
C ALA B 290 -24.61 22.03 -34.08
N ALA B 291 -25.21 21.90 -32.90
CA ALA B 291 -24.86 20.86 -31.94
C ALA B 291 -26.03 20.67 -30.99
N LYS B 292 -26.03 19.53 -30.30
CA LYS B 292 -27.08 19.18 -29.36
C LYS B 292 -26.62 19.45 -27.94
N VAL B 293 -27.54 19.93 -27.10
CA VAL B 293 -27.26 20.22 -25.70
C VAL B 293 -28.44 19.73 -24.87
N LEU B 294 -28.21 19.69 -23.55
CA LEU B 294 -29.22 19.28 -22.59
C LEU B 294 -29.76 20.49 -21.84
N LEU B 295 -30.94 20.32 -21.26
CA LEU B 295 -31.61 21.36 -20.50
C LEU B 295 -31.28 21.20 -19.03
N ILE B 296 -30.82 22.28 -18.39
CA ILE B 296 -30.41 22.27 -17.00
C ILE B 296 -31.57 22.77 -16.14
N GLU B 297 -31.78 22.09 -15.01
CA GLU B 297 -32.85 22.46 -14.10
C GLU B 297 -32.59 23.84 -13.48
N THR B 298 -33.68 24.54 -13.16
CA THR B 298 -33.56 25.94 -12.73
C THR B 298 -32.90 26.06 -11.37
N GLN B 299 -33.35 25.26 -10.38
CA GLN B 299 -32.79 25.36 -9.05
C GLN B 299 -31.31 24.96 -9.02
N ARG B 300 -30.94 23.97 -9.82
CA ARG B 300 -29.54 23.55 -9.88
C ARG B 300 -28.69 24.60 -10.58
N CYS B 301 -29.24 25.25 -11.61
CA CYS B 301 -28.50 26.30 -12.31
C CYS B 301 -28.39 27.58 -11.50
N ASN B 302 -29.31 27.79 -10.55
CA ASN B 302 -29.33 28.99 -9.74
C ASN B 302 -28.57 28.83 -8.42
N SER B 303 -27.72 27.82 -8.32
CA SER B 303 -26.97 27.61 -7.09
C SER B 303 -25.89 28.68 -6.93
N ARG B 304 -25.26 28.69 -5.75
CA ARG B 304 -24.24 29.69 -5.46
C ARG B 304 -22.94 29.43 -6.21
N TYR B 305 -22.80 28.27 -6.86
CA TYR B 305 -21.60 27.95 -7.61
C TYR B 305 -21.77 28.11 -9.10
N VAL B 306 -22.97 28.48 -9.57
CA VAL B 306 -23.21 28.66 -11.00
C VAL B 306 -23.66 30.09 -11.25
N TYR B 307 -24.80 30.48 -10.65
CA TYR B 307 -25.34 31.84 -10.78
C TYR B 307 -26.12 32.15 -9.50
N ASP B 308 -25.60 33.08 -8.71
CA ASP B 308 -26.23 33.47 -7.45
C ASP B 308 -27.42 34.39 -7.69
N ASN B 309 -28.62 33.80 -7.75
CA ASN B 309 -29.86 34.54 -7.89
C ASN B 309 -29.84 35.47 -9.10
N LEU B 310 -29.38 34.98 -10.24
CA LEU B 310 -29.32 35.76 -11.46
C LEU B 310 -30.18 35.17 -12.58
N ILE B 311 -31.07 34.24 -12.26
CA ILE B 311 -31.91 33.58 -13.23
C ILE B 311 -33.35 33.96 -12.94
N THR B 312 -33.92 34.80 -13.78
CA THR B 312 -35.32 35.18 -13.66
C THR B 312 -36.22 34.01 -14.04
N PRO B 313 -37.48 34.01 -13.59
CA PRO B 313 -38.40 32.93 -13.96
C PRO B 313 -38.67 32.87 -15.47
N ALA B 314 -38.23 33.89 -16.21
CA ALA B 314 -38.40 33.94 -17.64
C ALA B 314 -37.15 33.53 -18.41
N MET B 315 -36.29 32.71 -17.79
CA MET B 315 -35.06 32.25 -18.43
C MET B 315 -34.84 30.79 -18.09
N ILE B 316 -34.07 30.11 -18.95
CA ILE B 316 -33.75 28.71 -18.79
C ILE B 316 -32.27 28.51 -19.08
N CYS B 317 -31.70 27.45 -18.49
CA CYS B 317 -30.30 27.11 -18.68
C CYS B 317 -30.19 25.90 -19.61
N ALA B 318 -29.22 25.94 -20.52
CA ALA B 318 -28.97 24.84 -21.44
C ALA B 318 -27.47 24.66 -21.59
N GLY B 319 -27.07 23.43 -21.90
CA GLY B 319 -25.67 23.09 -22.08
C GLY B 319 -25.23 22.01 -21.13
N PHE B 320 -23.92 21.78 -21.10
CA PHE B 320 -23.31 20.77 -20.24
C PHE B 320 -22.54 21.46 -19.13
N LEU B 321 -22.69 20.95 -17.90
CA LEU B 321 -21.94 21.52 -16.79
C LEU B 321 -20.45 21.21 -16.89
N GLN B 322 -20.10 20.12 -17.58
CA GLN B 322 -18.69 19.80 -17.77
C GLN B 322 -18.01 20.73 -18.76
N GLY B 323 -18.78 21.34 -19.66
CA GLY B 323 -18.24 22.28 -20.63
C GLY B 323 -17.96 21.65 -21.97
N ASN B 324 -17.13 22.35 -22.75
CA ASN B 324 -16.64 21.93 -24.05
C ASN B 324 -17.73 21.99 -25.12
N VAL B 325 -18.97 22.28 -24.71
CA VAL B 325 -20.09 22.42 -25.64
C VAL B 325 -20.95 23.57 -25.12
N ASP B 326 -20.94 24.70 -25.83
CA ASP B 326 -21.73 25.86 -25.45
C ASP B 326 -21.70 26.85 -26.61
N SER B 327 -22.51 27.90 -26.48
CA SER B 327 -22.54 28.98 -27.45
C SER B 327 -21.42 29.96 -27.18
N CYS B 328 -21.30 30.97 -28.04
CA CYS B 328 -20.25 31.97 -27.90
C CYS B 328 -20.77 33.31 -28.42
N GLN B 329 -19.86 34.27 -28.54
CA GLN B 329 -20.22 35.60 -29.00
C GLN B 329 -20.71 35.57 -30.44
N GLY B 330 -21.61 36.49 -30.78
CA GLY B 330 -22.18 36.57 -32.10
C GLY B 330 -23.40 35.71 -32.33
N ASP B 331 -23.68 34.77 -31.43
CA ASP B 331 -24.85 33.91 -31.57
C ASP B 331 -26.06 34.51 -30.85
N SER B 332 -26.38 35.74 -31.25
CA SER B 332 -27.54 36.45 -30.71
C SER B 332 -28.78 36.07 -31.50
N GLY B 333 -29.80 35.58 -30.80
CA GLY B 333 -31.01 35.10 -31.43
C GLY B 333 -30.96 33.67 -31.92
N GLY B 334 -30.01 32.88 -31.44
CA GLY B 334 -29.88 31.50 -31.85
C GLY B 334 -31.11 30.67 -31.49
N PRO B 335 -31.70 30.02 -32.49
CA PRO B 335 -32.89 29.21 -32.22
C PRO B 335 -32.56 27.98 -31.40
N LEU B 336 -33.35 27.76 -30.35
CA LEU B 336 -33.26 26.57 -29.51
C LEU B 336 -34.48 25.71 -29.79
N VAL B 337 -34.29 24.61 -30.50
CA VAL B 337 -35.37 23.75 -30.95
C VAL B 337 -35.27 22.41 -30.24
N THR B 338 -36.41 21.76 -30.05
CA THR B 338 -36.49 20.44 -29.45
C THR B 338 -37.47 19.58 -30.22
N SER B 339 -37.29 18.26 -30.14
CA SER B 339 -38.10 17.29 -30.86
C SER B 339 -39.11 16.69 -29.89
N LYS B 340 -40.39 16.97 -30.10
CA LYS B 340 -41.47 16.44 -29.29
C LYS B 340 -42.62 16.02 -30.19
N ASN B 341 -42.95 14.72 -30.16
CA ASN B 341 -44.02 14.15 -30.98
C ASN B 341 -43.81 14.42 -32.46
N ASN B 342 -42.58 14.22 -32.93
CA ASN B 342 -42.19 14.43 -34.33
C ASN B 342 -42.43 15.86 -34.80
N ILE B 343 -42.53 16.81 -33.88
CA ILE B 343 -42.74 18.21 -34.20
C ILE B 343 -41.70 19.04 -33.46
N TRP B 344 -41.08 19.99 -34.17
CA TRP B 344 -40.06 20.85 -33.57
C TRP B 344 -40.71 22.11 -33.01
N TRP B 345 -40.27 22.51 -31.82
CA TRP B 345 -40.79 23.67 -31.13
C TRP B 345 -39.64 24.58 -30.72
N LEU B 346 -39.93 25.88 -30.67
CA LEU B 346 -38.95 26.88 -30.26
C LEU B 346 -39.17 27.19 -28.77
N ILE B 347 -38.17 26.91 -27.95
CA ILE B 347 -38.30 27.07 -26.51
C ILE B 347 -37.30 28.04 -25.92
N GLY B 348 -36.20 28.37 -26.60
CA GLY B 348 -35.18 29.21 -26.03
C GLY B 348 -34.71 30.27 -27.01
N ASP B 349 -34.07 31.31 -26.45
CA ASP B 349 -33.51 32.40 -27.21
C ASP B 349 -32.24 32.86 -26.52
N THR B 350 -31.11 32.80 -27.22
CA THR B 350 -29.83 33.15 -26.63
C THR B 350 -29.82 34.62 -26.23
N SER B 351 -29.64 34.88 -24.94
CA SER B 351 -29.65 36.23 -24.39
C SER B 351 -28.28 36.67 -23.89
N TRP B 352 -27.68 35.90 -22.98
CA TRP B 352 -26.39 36.28 -22.41
C TRP B 352 -25.72 35.03 -21.85
N GLY B 353 -24.45 35.20 -21.49
CA GLY B 353 -23.69 34.10 -20.93
C GLY B 353 -22.36 34.58 -20.41
N SER B 354 -21.53 33.62 -20.00
CA SER B 354 -20.20 33.89 -19.47
C SER B 354 -19.22 32.90 -20.09
N GLY B 355 -18.25 33.41 -20.83
CA GLY B 355 -17.27 32.54 -21.47
C GLY B 355 -17.87 31.74 -22.60
N CYS B 356 -17.07 30.81 -23.11
CA CYS B 356 -17.49 29.95 -24.21
C CYS B 356 -16.94 28.54 -24.00
N ALA B 357 -17.85 27.58 -23.83
CA ALA B 357 -17.48 26.17 -23.68
C ALA B 357 -16.55 25.95 -22.50
N LYS B 358 -16.86 26.59 -21.38
CA LYS B 358 -16.12 26.43 -20.14
C LYS B 358 -17.02 25.92 -19.04
N ALA B 359 -16.46 25.13 -18.13
CA ALA B 359 -17.25 24.52 -17.07
C ALA B 359 -17.77 25.58 -16.10
N TYR B 360 -18.82 25.21 -15.37
CA TYR B 360 -19.47 26.04 -14.36
C TYR B 360 -20.09 27.31 -14.94
N ARG B 361 -20.15 27.44 -16.26
CA ARG B 361 -20.71 28.62 -16.92
C ARG B 361 -21.57 28.17 -18.10
N PRO B 362 -22.78 27.70 -17.83
CA PRO B 362 -23.66 27.28 -18.92
C PRO B 362 -24.33 28.47 -19.60
N GLY B 363 -24.98 28.17 -20.73
CA GLY B 363 -25.67 29.20 -21.47
C GLY B 363 -27.02 29.53 -20.88
N VAL B 364 -27.42 30.80 -21.02
CA VAL B 364 -28.69 31.30 -20.53
C VAL B 364 -29.56 31.65 -21.73
N TYR B 365 -30.77 31.11 -21.75
CA TYR B 365 -31.70 31.30 -22.85
C TYR B 365 -33.02 31.84 -22.33
N GLY B 366 -33.62 32.75 -23.09
CA GLY B 366 -34.90 33.32 -22.69
C GLY B 366 -36.03 32.33 -22.90
N ASN B 367 -36.97 32.31 -21.96
CA ASN B 367 -38.11 31.39 -22.00
C ASN B 367 -39.20 32.02 -22.86
N VAL B 368 -39.49 31.38 -23.99
CA VAL B 368 -40.49 31.93 -24.90
C VAL B 368 -41.89 31.58 -24.42
N MET B 369 -42.03 30.59 -23.54
CA MET B 369 -43.34 30.18 -23.06
C MET B 369 -44.05 31.31 -22.33
N VAL B 370 -43.32 32.07 -21.52
CA VAL B 370 -43.93 33.17 -20.77
C VAL B 370 -44.29 34.32 -21.73
N PHE B 371 -43.51 34.50 -22.79
CA PHE B 371 -43.70 35.61 -23.70
C PHE B 371 -44.60 35.27 -24.89
N THR B 372 -45.14 34.04 -24.95
CA THR B 372 -46.04 33.68 -26.04
C THR B 372 -47.26 34.59 -26.09
N ASP B 373 -47.71 35.08 -24.94
CA ASP B 373 -48.88 35.95 -24.92
C ASP B 373 -48.57 37.29 -25.58
N TRP B 374 -47.38 37.84 -25.33
CA TRP B 374 -47.01 39.12 -25.93
C TRP B 374 -46.86 39.00 -27.44
N ILE B 375 -46.34 37.87 -27.92
CA ILE B 375 -46.19 37.66 -29.36
C ILE B 375 -47.57 37.65 -30.03
N TYR B 376 -48.51 36.91 -29.46
CA TYR B 376 -49.85 36.86 -30.02
C TYR B 376 -50.54 38.22 -29.93
N ARG B 377 -50.32 38.95 -28.84
CA ARG B 377 -50.90 40.28 -28.71
C ARG B 377 -50.38 41.22 -29.79
N GLN B 378 -49.06 41.20 -30.03
CA GLN B 378 -48.49 42.05 -31.07
C GLN B 378 -48.98 41.63 -32.45
N MET B 379 -49.11 40.32 -32.69
CA MET B 379 -49.58 39.85 -33.99
C MET B 379 -51.02 40.25 -34.23
N ARG B 380 -51.85 40.24 -33.18
CA ARG B 380 -53.24 40.65 -33.31
C ARG B 380 -53.36 42.16 -33.47
N ALA B 381 -52.49 42.92 -32.80
CA ALA B 381 -52.51 44.37 -32.93
C ALA B 381 -52.06 44.82 -34.31
N ASP B 382 -51.06 44.15 -34.87
CA ASP B 382 -50.56 44.49 -36.20
C ASP B 382 -51.46 43.90 -37.28
N ALA C 302 0.06 -48.15 21.12
CA ALA C 302 1.13 -49.08 21.45
C ALA C 302 2.48 -48.53 21.02
N THR C 303 2.54 -48.02 19.79
CA THR C 303 3.79 -47.46 19.28
C THR C 303 4.10 -46.12 19.94
N VAL C 304 5.38 -45.86 20.15
CA VAL C 304 5.85 -44.62 20.75
C VAL C 304 6.81 -43.95 19.79
N HIS C 305 6.56 -42.69 19.47
CA HIS C 305 7.39 -41.92 18.55
C HIS C 305 7.69 -40.57 19.17
N ARG C 306 8.95 -40.36 19.56
CA ARG C 306 9.40 -39.10 20.13
C ARG C 306 10.48 -38.51 19.24
N ARG C 307 10.41 -37.19 19.02
CA ARG C 307 11.38 -36.49 18.20
C ARG C 307 11.45 -35.04 18.64
N ILE C 308 12.65 -34.49 18.62
CA ILE C 308 12.89 -33.10 19.00
C ILE C 308 12.67 -32.22 17.78
N PRO C 309 11.75 -31.26 17.82
CA PRO C 309 11.53 -30.40 16.66
C PRO C 309 12.71 -29.50 16.37
N ASP C 310 12.93 -29.23 15.09
CA ASP C 310 14.01 -28.37 14.65
C ASP C 310 13.58 -26.92 14.40
N LEU C 311 12.28 -26.68 14.27
CA LEU C 311 11.75 -25.34 14.05
C LEU C 311 10.75 -24.99 15.14
N PRO C 312 10.71 -23.72 15.54
CA PRO C 312 9.79 -23.32 16.62
C PRO C 312 8.35 -23.29 16.13
N ASP C 313 7.43 -23.12 17.10
CA ASP C 313 6.02 -23.05 16.79
C ASP C 313 5.67 -21.70 16.18
N CYS C 314 4.63 -21.70 15.34
CA CYS C 314 4.24 -20.48 14.64
C CYS C 314 3.62 -19.46 15.58
N ASP C 315 2.82 -19.93 16.53
CA ASP C 315 2.10 -19.05 17.46
C ASP C 315 1.19 -18.08 16.71
N ILE C 316 0.34 -18.64 15.85
CA ILE C 316 -0.59 -17.81 15.07
C ILE C 316 -1.77 -17.37 15.94
N ASP C 317 -2.19 -18.23 16.87
CA ASP C 317 -3.33 -17.91 17.72
C ASP C 317 -3.04 -16.72 18.62
N LYS C 318 -1.78 -16.54 19.03
CA LYS C 318 -1.43 -15.40 19.88
C LYS C 318 -1.59 -14.08 19.13
N TRP C 319 -1.21 -14.07 17.84
CA TRP C 319 -1.35 -12.84 17.06
C TRP C 319 -2.80 -12.63 16.62
N LEU C 320 -3.55 -13.71 16.42
CA LEU C 320 -4.95 -13.57 16.04
C LEU C 320 -5.82 -13.15 17.21
N ASN C 321 -5.48 -13.58 18.43
CA ASN C 321 -6.24 -13.24 19.62
C ASN C 321 -5.71 -11.99 20.31
N ASN C 322 -4.99 -11.14 19.60
CA ASN C 322 -4.51 -9.89 20.18
C ASN C 322 -5.67 -8.92 20.40
N PHE C 323 -5.60 -8.18 21.50
CA PHE C 323 -6.70 -7.31 21.92
C PHE C 323 -6.71 -5.99 21.18
N ASN C 324 -5.70 -5.68 20.38
CA ASN C 324 -5.68 -4.48 19.55
C ASN C 324 -6.14 -4.88 18.15
N VAL C 325 -7.44 -4.80 17.92
CA VAL C 325 -8.05 -5.19 16.65
C VAL C 325 -8.00 -3.99 15.71
N PRO C 326 -7.26 -4.07 14.60
CA PRO C 326 -7.21 -2.93 13.69
C PRO C 326 -8.47 -2.83 12.84
N SER C 327 -8.77 -1.60 12.44
CA SER C 327 -9.93 -1.32 11.61
C SER C 327 -9.66 -1.76 10.17
N PRO C 328 -10.70 -1.88 9.35
CA PRO C 328 -10.47 -2.19 7.93
C PRO C 328 -9.58 -1.18 7.23
N LEU C 329 -9.53 0.06 7.72
CA LEU C 329 -8.64 1.06 7.14
C LEU C 329 -7.19 0.80 7.49
N ASN C 330 -6.94 0.13 8.62
CA ASN C 330 -5.58 -0.16 9.09
C ASN C 330 -5.30 -1.66 9.14
N TRP C 331 -5.72 -2.39 8.12
CA TRP C 331 -5.51 -3.84 8.11
C TRP C 331 -4.03 -4.17 8.18
N GLU C 332 -3.66 -5.03 9.12
CA GLU C 332 -2.28 -5.37 9.38
C GLU C 332 -1.88 -6.65 8.65
N ARG C 333 -0.59 -6.79 8.38
CA ARG C 333 -0.05 -7.93 7.66
C ARG C 333 1.16 -8.48 8.41
N LYS C 334 1.19 -9.79 8.60
CA LYS C 334 2.32 -10.46 9.22
C LYS C 334 2.65 -11.72 8.42
N ILE C 335 3.93 -11.96 8.19
CA ILE C 335 4.40 -13.08 7.39
C ILE C 335 4.92 -14.15 8.33
N PHE C 336 4.33 -15.34 8.25
CA PHE C 336 4.75 -16.50 9.03
C PHE C 336 5.52 -17.45 8.13
N SER C 337 6.74 -17.80 8.53
CA SER C 337 7.58 -18.69 7.73
C SER C 337 8.54 -19.41 8.65
N ASN C 338 8.94 -20.62 8.23
CA ASN C 338 9.90 -21.45 8.96
C ASN C 338 9.39 -21.75 10.38
N CYS C 339 8.25 -22.42 10.45
CA CYS C 339 7.65 -22.79 11.72
C CYS C 339 6.66 -23.92 11.49
N ASN C 340 6.21 -24.52 12.58
CA ASN C 340 5.25 -25.61 12.55
C ASN C 340 3.97 -25.19 13.25
N PHE C 341 2.82 -25.60 12.69
CA PHE C 341 1.53 -25.25 13.23
C PHE C 341 0.56 -26.41 13.08
N ASN C 342 -0.44 -26.45 13.96
CA ASN C 342 -1.52 -27.42 13.90
C ASN C 342 -2.79 -26.67 13.51
N LEU C 343 -3.37 -27.02 12.37
CA LEU C 343 -4.50 -26.25 11.84
C LEU C 343 -5.76 -26.48 12.66
N SER C 344 -6.05 -27.72 13.02
CA SER C 344 -7.28 -28.01 13.77
C SER C 344 -7.23 -27.43 15.18
N THR C 345 -6.06 -27.49 15.81
CA THR C 345 -5.91 -26.86 17.12
C THR C 345 -6.11 -25.36 17.03
N LEU C 346 -5.63 -24.74 15.95
CA LEU C 346 -5.84 -23.31 15.74
C LEU C 346 -7.31 -23.00 15.54
N LEU C 347 -8.01 -23.80 14.76
CA LEU C 347 -9.44 -23.56 14.53
C LEU C 347 -10.26 -23.85 15.79
N ARG C 348 -9.73 -24.67 16.71
CA ARG C 348 -10.44 -24.93 17.95
C ARG C 348 -10.21 -23.84 18.98
N LEU C 349 -8.97 -23.36 19.10
CA LEU C 349 -8.67 -22.31 20.08
C LEU C 349 -9.32 -21.00 19.70
N VAL C 350 -9.29 -20.65 18.42
CA VAL C 350 -9.94 -19.44 17.91
C VAL C 350 -11.34 -19.83 17.44
N HIS C 351 -12.36 -19.29 18.11
CA HIS C 351 -13.74 -19.66 17.81
C HIS C 351 -14.11 -19.24 16.39
N THR C 352 -14.21 -20.20 15.48
CA THR C 352 -14.40 -19.95 14.06
C THR C 352 -15.87 -20.15 13.69
N ASP C 353 -16.41 -19.22 12.91
CA ASP C 353 -17.76 -19.33 12.38
C ASP C 353 -17.80 -19.93 10.98
N SER C 354 -16.80 -19.64 10.15
CA SER C 354 -16.74 -20.17 8.80
C SER C 354 -15.30 -20.19 8.34
N PHE C 355 -14.99 -21.12 7.43
CA PHE C 355 -13.63 -21.26 6.90
C PHE C 355 -13.72 -21.86 5.51
N SER C 356 -13.40 -21.06 4.50
CA SER C 356 -13.43 -21.51 3.12
C SER C 356 -12.17 -21.05 2.40
N CYS C 357 -11.79 -21.76 1.35
CA CYS C 357 -10.60 -21.47 0.58
C CYS C 357 -10.96 -21.26 -0.88
N ASN C 358 -10.30 -20.30 -1.53
CA ASN C 358 -10.50 -20.01 -2.93
C ASN C 358 -9.37 -20.59 -3.76
N ASN C 359 -9.73 -21.24 -4.87
CA ASN C 359 -8.77 -21.89 -5.76
C ASN C 359 -7.92 -22.93 -5.06
N PHE C 360 -8.40 -23.47 -3.94
CA PHE C 360 -7.64 -24.45 -3.17
C PHE C 360 -8.61 -25.23 -2.29
N ASP C 361 -8.25 -26.48 -2.02
CA ASP C 361 -9.09 -27.38 -1.24
C ASP C 361 -8.65 -27.38 0.21
N GLU C 362 -9.62 -27.32 1.12
CA GLU C 362 -9.30 -27.30 2.55
C GLU C 362 -8.72 -28.63 2.99
N SER C 363 -9.07 -29.73 2.32
CA SER C 363 -8.55 -31.03 2.70
C SER C 363 -7.05 -31.13 2.45
N LYS C 364 -6.55 -30.43 1.43
CA LYS C 364 -5.13 -30.48 1.10
C LYS C 364 -4.26 -29.69 2.06
N ILE C 365 -4.85 -28.83 2.90
CA ILE C 365 -4.05 -28.09 3.87
C ILE C 365 -3.56 -29.01 4.98
N TYR C 366 -4.28 -30.08 5.26
CA TYR C 366 -3.92 -31.01 6.33
C TYR C 366 -2.72 -31.86 5.93
N GLY C 367 -1.52 -31.42 6.32
CA GLY C 367 -0.31 -32.19 6.08
C GLY C 367 0.59 -31.67 4.98
N SER C 368 0.40 -30.43 4.53
CA SER C 368 1.20 -29.87 3.45
C SER C 368 2.21 -28.87 4.00
N CYS C 369 3.24 -28.60 3.20
CA CYS C 369 4.29 -27.65 3.54
C CYS C 369 4.21 -26.45 2.61
N PHE C 370 4.46 -25.27 3.15
CA PHE C 370 4.42 -24.03 2.39
C PHE C 370 5.67 -23.22 2.67
N LYS C 371 5.97 -22.30 1.75
CA LYS C 371 7.13 -21.43 1.94
C LYS C 371 6.85 -20.35 2.97
N SER C 372 5.74 -19.62 2.80
CA SER C 372 5.35 -18.59 3.75
C SER C 372 3.84 -18.39 3.66
N ILE C 373 3.25 -17.98 4.77
CA ILE C 373 1.81 -17.72 4.85
C ILE C 373 1.61 -16.28 5.31
N VAL C 374 0.86 -15.52 4.53
CA VAL C 374 0.60 -14.12 4.80
C VAL C 374 -0.81 -13.99 5.39
N LEU C 375 -0.91 -13.26 6.50
CA LEU C 375 -2.18 -13.09 7.20
C LEU C 375 -2.56 -11.62 7.24
N ASP C 376 -3.80 -11.32 6.86
CA ASP C 376 -4.37 -9.99 6.96
C ASP C 376 -5.67 -10.07 7.76
N LYS C 377 -5.79 -9.25 8.79
CA LYS C 377 -6.95 -9.30 9.67
C LYS C 377 -7.47 -7.89 9.94
N PHE C 378 -8.77 -7.78 10.12
CA PHE C 378 -9.44 -6.54 10.46
C PHE C 378 -10.84 -6.86 10.96
N ALA C 379 -11.44 -5.89 11.66
CA ALA C 379 -12.77 -6.06 12.23
C ALA C 379 -13.83 -5.86 11.16
N ILE C 380 -14.99 -6.48 11.37
CA ILE C 380 -16.08 -6.45 10.41
C ILE C 380 -17.18 -5.54 10.97
N PRO C 381 -17.59 -4.49 10.25
CA PRO C 381 -18.78 -3.75 10.67
C PRO C 381 -20.03 -4.61 10.53
N ASN C 382 -20.99 -4.38 11.41
CA ASN C 382 -22.21 -5.19 11.41
C ASN C 382 -23.07 -4.90 10.20
N SER C 383 -22.92 -3.71 9.60
CA SER C 383 -23.79 -3.32 8.50
C SER C 383 -23.24 -3.80 7.15
N ARG C 384 -21.93 -3.85 6.99
CA ARG C 384 -21.29 -4.16 5.73
C ARG C 384 -20.60 -5.52 5.75
N ARG C 385 -21.23 -6.51 6.39
CA ARG C 385 -20.66 -7.85 6.41
C ARG C 385 -20.82 -8.57 5.06
N SER C 386 -21.74 -8.11 4.21
CA SER C 386 -21.96 -8.74 2.92
C SER C 386 -20.99 -8.24 1.85
N ASP C 387 -20.20 -7.21 2.13
CA ASP C 387 -19.24 -6.70 1.17
C ASP C 387 -17.97 -7.56 1.09
N LEU C 388 -17.79 -8.51 2.00
CA LEU C 388 -16.62 -9.37 2.00
C LEU C 388 -16.76 -10.58 1.08
N GLN C 389 -17.80 -10.62 0.25
CA GLN C 389 -17.97 -11.72 -0.68
C GLN C 389 -16.91 -11.65 -1.78
N LEU C 390 -16.62 -12.80 -2.39
CA LEU C 390 -15.59 -12.88 -3.42
C LEU C 390 -16.12 -12.21 -4.68
N GLY C 391 -15.81 -10.92 -4.84
CA GLY C 391 -16.27 -10.17 -5.99
C GLY C 391 -17.52 -9.38 -5.69
N SER C 392 -17.38 -8.08 -5.48
CA SER C 392 -18.49 -7.22 -5.13
C SER C 392 -18.05 -5.76 -5.25
N SER C 393 -18.97 -4.91 -5.70
CA SER C 393 -18.71 -3.47 -5.80
C SER C 393 -19.14 -2.76 -4.52
N GLY C 394 -18.64 -3.28 -3.40
CA GLY C 394 -18.93 -2.71 -2.11
C GLY C 394 -17.89 -1.72 -1.65
N PHE C 395 -18.19 -0.96 -0.59
CA PHE C 395 -17.27 0.06 -0.12
C PHE C 395 -16.00 -0.56 0.44
N LEU C 396 -16.12 -1.72 1.09
CA LEU C 396 -14.97 -2.36 1.71
C LEU C 396 -13.93 -2.76 0.67
N GLN C 397 -14.32 -3.60 -0.28
CA GLN C 397 -13.36 -4.08 -1.27
C GLN C 397 -12.95 -3.01 -2.26
N SER C 398 -13.59 -1.84 -2.23
CA SER C 398 -13.24 -0.78 -3.17
C SER C 398 -12.41 0.32 -2.52
N SER C 399 -12.43 0.43 -1.19
CA SER C 399 -11.74 1.52 -0.51
C SER C 399 -10.80 1.08 0.60
N ASN C 400 -10.94 -0.13 1.14
CA ASN C 400 -10.12 -0.56 2.28
C ASN C 400 -9.23 -1.74 1.95
N TYR C 401 -9.78 -2.83 1.44
CA TYR C 401 -9.01 -4.05 1.20
C TYR C 401 -9.75 -4.93 0.21
N LYS C 402 -9.10 -5.26 -0.90
CA LYS C 402 -9.67 -6.11 -1.93
C LYS C 402 -9.06 -7.50 -1.84
N ILE C 403 -9.91 -8.52 -1.93
CA ILE C 403 -9.47 -9.90 -1.83
C ILE C 403 -8.94 -10.35 -3.19
N ASP C 404 -7.76 -10.98 -3.19
CA ASP C 404 -7.15 -11.45 -4.43
C ASP C 404 -7.77 -12.77 -4.84
N THR C 405 -8.39 -12.81 -6.01
CA THR C 405 -9.03 -14.01 -6.53
C THR C 405 -8.18 -14.76 -7.54
N THR C 406 -6.94 -14.32 -7.77
CA THR C 406 -6.05 -14.95 -8.73
C THR C 406 -5.08 -15.93 -8.11
N SER C 407 -5.09 -16.08 -6.78
CA SER C 407 -4.19 -16.99 -6.09
C SER C 407 -4.99 -17.83 -5.10
N SER C 408 -4.31 -18.81 -4.50
CA SER C 408 -4.92 -19.69 -3.53
C SER C 408 -4.98 -18.98 -2.17
N SER C 409 -6.18 -18.67 -1.71
CA SER C 409 -6.37 -17.96 -0.45
C SER C 409 -7.52 -18.58 0.32
N CYS C 410 -7.42 -18.52 1.64
CA CYS C 410 -8.46 -19.03 2.53
C CYS C 410 -8.98 -17.89 3.39
N GLN C 411 -10.29 -17.88 3.63
CA GLN C 411 -10.95 -16.84 4.40
C GLN C 411 -11.46 -17.43 5.71
N LEU C 412 -11.30 -16.67 6.80
CA LEU C 412 -11.67 -17.14 8.12
C LEU C 412 -12.46 -16.04 8.84
N TYR C 413 -13.58 -16.44 9.45
CA TYR C 413 -14.39 -15.55 10.27
C TYR C 413 -14.37 -16.06 11.70
N TYR C 414 -13.97 -15.20 12.63
CA TYR C 414 -13.90 -15.60 14.04
C TYR C 414 -14.33 -14.45 14.92
N SER C 415 -14.54 -14.76 16.20
CA SER C 415 -15.04 -13.80 17.18
C SER C 415 -14.12 -13.79 18.40
N LEU C 416 -14.31 -12.76 19.24
CA LEU C 416 -13.50 -12.55 20.43
C LEU C 416 -14.36 -11.83 21.47
N PRO C 417 -14.24 -12.20 22.74
CA PRO C 417 -15.02 -11.51 23.79
C PRO C 417 -14.73 -10.02 23.81
N ALA C 418 -15.79 -9.22 23.73
CA ALA C 418 -15.66 -7.77 23.60
C ALA C 418 -15.40 -7.06 24.92
N ILE C 419 -15.15 -7.80 26.00
CA ILE C 419 -14.89 -7.18 27.29
C ILE C 419 -13.46 -6.65 27.31
N ASN C 420 -12.61 -7.19 26.43
CA ASN C 420 -11.21 -6.80 26.36
C ASN C 420 -10.80 -6.19 25.03
N VAL C 421 -11.73 -6.01 24.09
CA VAL C 421 -11.39 -5.57 22.75
C VAL C 421 -11.32 -4.05 22.70
N THR C 422 -10.24 -3.52 22.14
CA THR C 422 -10.09 -2.11 21.87
C THR C 422 -9.69 -1.92 20.41
N ILE C 423 -10.37 -1.01 19.72
CA ILE C 423 -10.19 -0.79 18.30
C ILE C 423 -9.19 0.34 18.09
N ASN C 424 -8.17 0.10 17.28
CA ASN C 424 -7.15 1.08 16.97
C ASN C 424 -7.45 1.68 15.60
N ASN C 425 -7.92 2.93 15.60
CA ASN C 425 -8.23 3.64 14.36
C ASN C 425 -7.08 4.56 14.00
N TYR C 426 -6.65 4.50 12.73
CA TYR C 426 -5.52 5.29 12.27
C TYR C 426 -5.73 5.61 10.79
N ASN C 427 -5.17 6.74 10.35
CA ASN C 427 -5.31 7.17 8.97
C ASN C 427 -3.97 6.96 8.26
N PRO C 428 -3.84 5.97 7.38
CA PRO C 428 -2.59 5.74 6.65
C PRO C 428 -2.47 6.60 5.39
N SER C 429 -2.71 7.90 5.53
CA SER C 429 -2.64 8.85 4.42
C SER C 429 -1.57 9.87 4.71
N SER C 430 -0.58 9.95 3.83
CA SER C 430 0.55 10.86 4.05
C SER C 430 0.14 12.31 3.86
N TRP C 431 -0.65 12.60 2.82
CA TRP C 431 -1.01 13.99 2.54
C TRP C 431 -2.13 14.49 3.45
N ASN C 432 -3.02 13.60 3.91
CA ASN C 432 -4.05 14.03 4.86
C ASN C 432 -3.45 14.34 6.22
N ARG C 433 -2.51 13.51 6.68
CA ARG C 433 -1.84 13.77 7.95
C ARG C 433 -0.98 15.02 7.88
N ARG C 434 -0.52 15.38 6.68
CA ARG C 434 0.35 16.54 6.52
C ARG C 434 -0.39 17.85 6.73
N TYR C 435 -1.66 17.91 6.35
CA TYR C 435 -2.42 19.15 6.39
C TYR C 435 -3.32 19.26 7.62
N GLY C 436 -3.04 18.51 8.68
CA GLY C 436 -3.71 18.75 9.95
C GLY C 436 -4.75 17.71 10.36
N PHE C 437 -4.50 16.45 10.07
CA PHE C 437 -5.40 15.40 10.54
C PHE C 437 -4.93 14.86 11.89
N ASN C 438 -5.87 14.32 12.64
CA ASN C 438 -5.60 13.86 14.00
C ASN C 438 -6.47 12.64 14.28
N ASN C 439 -6.58 12.27 15.55
CA ASN C 439 -7.35 11.10 15.94
C ASN C 439 -8.83 11.28 15.63
N PHE C 440 -9.54 10.17 15.45
CA PHE C 440 -10.96 10.23 15.13
C PHE C 440 -11.78 10.66 16.34
N ASN C 441 -11.57 10.01 17.49
CA ASN C 441 -12.27 10.33 18.73
C ASN C 441 -13.79 10.22 18.54
N LEU C 442 -14.23 8.99 18.27
CA LEU C 442 -15.65 8.72 18.06
C LEU C 442 -16.27 7.96 19.22
N SER C 443 -15.82 6.74 19.49
CA SER C 443 -16.36 5.90 20.56
C SER C 443 -15.52 4.62 20.62
N SER C 444 -15.79 3.81 21.62
CA SER C 444 -15.16 2.50 21.75
C SER C 444 -16.01 1.43 21.07
N HIS C 445 -15.36 0.34 20.67
CA HIS C 445 -15.99 -0.75 19.93
C HIS C 445 -16.62 -0.27 18.63
N SER C 446 -16.03 0.76 18.03
CA SER C 446 -16.51 1.33 16.78
C SER C 446 -15.37 1.32 15.75
N VAL C 447 -15.66 0.80 14.56
CA VAL C 447 -14.68 0.70 13.49
C VAL C 447 -15.03 1.72 12.41
N VAL C 448 -14.00 2.20 11.71
CA VAL C 448 -14.16 3.21 10.67
C VAL C 448 -13.75 2.59 9.34
N TYR C 449 -14.61 2.72 8.34
CA TYR C 449 -14.35 2.22 6.99
C TYR C 449 -14.47 3.36 5.99
N SER C 450 -13.59 3.37 5.00
CA SER C 450 -13.59 4.41 3.98
C SER C 450 -14.63 4.10 2.91
N ARG C 451 -15.20 5.17 2.36
CA ARG C 451 -16.23 5.06 1.33
C ARG C 451 -15.76 5.54 -0.04
N TYR C 452 -14.92 6.58 -0.08
CA TYR C 452 -14.35 7.06 -1.32
C TYR C 452 -12.86 7.32 -1.13
N CYS C 453 -12.07 6.98 -2.12
CA CYS C 453 -10.61 7.08 -2.06
C CYS C 453 -10.14 8.08 -3.11
N PHE C 454 -9.28 9.01 -2.70
CA PHE C 454 -8.74 10.03 -3.59
C PHE C 454 -7.22 10.05 -3.47
N SER C 455 -6.57 10.31 -4.59
CA SER C 455 -5.11 10.32 -4.65
C SER C 455 -4.62 11.60 -5.33
N VAL C 456 -3.48 12.10 -4.85
CA VAL C 456 -2.86 13.30 -5.40
C VAL C 456 -1.36 13.06 -5.52
N ASN C 457 -0.68 13.98 -6.20
CA ASN C 457 0.76 13.95 -6.34
C ASN C 457 1.41 14.86 -5.28
N ASN C 458 2.74 14.94 -5.33
CA ASN C 458 3.47 15.76 -4.38
C ASN C 458 3.51 17.21 -4.83
N THR C 459 2.35 17.77 -5.20
CA THR C 459 2.25 19.17 -5.55
C THR C 459 0.94 19.79 -5.07
N PHE C 460 0.10 19.06 -4.35
CA PHE C 460 -1.23 19.53 -4.01
C PHE C 460 -1.22 20.33 -2.71
N CYS C 461 -1.91 21.46 -2.72
CA CYS C 461 -2.02 22.31 -1.54
C CYS C 461 -3.43 22.90 -1.48
N PRO C 462 -4.26 22.48 -0.53
CA PRO C 462 -5.63 23.00 -0.40
C PRO C 462 -5.67 24.45 0.08
N CYS C 463 -5.13 25.35 -0.75
CA CYS C 463 -4.99 26.75 -0.36
C CYS C 463 -4.87 27.60 -1.61
N ALA C 464 -5.43 28.80 -1.55
CA ALA C 464 -5.37 29.75 -2.65
C ALA C 464 -4.27 30.78 -2.39
N LYS C 465 -3.86 31.46 -3.45
CA LYS C 465 -2.84 32.48 -3.33
C LYS C 465 -3.43 33.72 -2.67
N PRO C 466 -2.78 34.28 -1.64
CA PRO C 466 -3.32 35.49 -1.00
C PRO C 466 -3.37 36.68 -1.92
N SER C 467 -2.51 36.74 -2.93
CA SER C 467 -2.51 37.87 -3.87
C SER C 467 -3.73 37.81 -4.78
N PHE C 468 -4.06 36.61 -5.28
CA PHE C 468 -5.21 36.48 -6.16
C PHE C 468 -6.52 36.57 -5.40
N ALA C 469 -6.56 36.02 -4.18
CA ALA C 469 -7.78 36.06 -3.38
C ALA C 469 -8.08 37.45 -2.86
N SER C 470 -7.08 38.33 -2.79
CA SER C 470 -7.32 39.68 -2.29
C SER C 470 -8.12 40.51 -3.28
N SER C 471 -7.90 40.29 -4.58
CA SER C 471 -8.59 41.04 -5.63
C SER C 471 -9.84 40.27 -6.06
N CYS C 472 -10.74 40.06 -5.11
CA CYS C 472 -12.00 39.35 -5.34
C CYS C 472 -13.07 40.03 -4.49
N LYS C 473 -13.94 40.80 -5.14
CA LYS C 473 -15.03 41.48 -4.45
C LYS C 473 -16.28 40.62 -4.34
N SER C 474 -16.24 39.38 -4.84
CA SER C 474 -17.38 38.48 -4.76
C SER C 474 -16.86 37.05 -4.77
N HIS C 475 -17.39 36.24 -3.85
CA HIS C 475 -16.99 34.84 -3.70
C HIS C 475 -15.48 34.72 -3.45
N LYS C 476 -15.05 35.33 -2.35
CA LYS C 476 -13.63 35.31 -2.00
C LYS C 476 -13.27 33.98 -1.35
N PRO C 477 -12.40 33.18 -1.96
CA PRO C 477 -12.03 31.90 -1.35
C PRO C 477 -11.00 32.11 -0.25
N PRO C 478 -10.93 31.17 0.71
CA PRO C 478 -9.92 31.30 1.77
C PRO C 478 -8.52 31.05 1.22
N SER C 479 -7.57 31.80 1.77
CA SER C 479 -6.17 31.73 1.34
C SER C 479 -5.24 31.78 2.53
N ALA C 480 -4.11 31.09 2.41
CA ALA C 480 -3.10 31.08 3.46
C ALA C 480 -1.78 30.64 2.83
N SER C 481 -0.75 30.58 3.67
CA SER C 481 0.59 30.23 3.20
C SER C 481 0.75 28.72 3.08
N CYS C 482 1.22 28.29 1.90
CA CYS C 482 1.47 26.90 1.59
C CYS C 482 2.95 26.60 1.75
N PRO C 483 3.31 25.38 2.19
CA PRO C 483 4.73 25.03 2.36
C PRO C 483 5.56 25.19 1.09
N ILE C 484 6.88 25.08 1.24
CA ILE C 484 7.82 25.40 0.18
C ILE C 484 7.79 24.33 -0.91
N GLY C 485 7.20 24.67 -2.06
CA GLY C 485 7.20 23.81 -3.22
C GLY C 485 5.91 23.03 -3.38
N THR C 486 4.98 23.61 -4.13
CA THR C 486 3.67 23.02 -4.39
C THR C 486 3.03 23.81 -5.52
N ASN C 487 1.75 23.53 -5.78
CA ASN C 487 0.95 24.27 -6.75
C ASN C 487 -0.32 24.75 -6.07
N TYR C 488 -0.54 26.06 -6.08
CA TYR C 488 -1.69 26.64 -5.40
C TYR C 488 -2.98 26.23 -6.09
N ARG C 489 -4.10 26.46 -5.39
CA ARG C 489 -5.41 26.12 -5.92
C ARG C 489 -5.72 26.96 -7.15
N SER C 490 -6.23 26.32 -8.20
CA SER C 490 -6.54 27.02 -9.43
C SER C 490 -7.76 27.91 -9.24
N CYS C 491 -7.54 29.21 -9.25
CA CYS C 491 -8.61 30.20 -9.12
C CYS C 491 -8.39 31.31 -10.14
N GLU C 492 -9.44 31.66 -10.86
CA GLU C 492 -9.38 32.72 -11.86
C GLU C 492 -10.58 33.63 -11.71
N SER C 493 -10.37 34.92 -11.97
CA SER C 493 -11.43 35.91 -11.86
C SER C 493 -12.15 36.05 -13.20
N THR C 494 -13.47 35.94 -13.17
CA THR C 494 -14.29 36.05 -14.37
C THR C 494 -15.14 37.31 -14.29
N THR C 495 -15.67 37.71 -15.44
CA THR C 495 -16.51 38.90 -15.56
C THR C 495 -17.90 38.48 -15.99
N VAL C 496 -18.91 38.95 -15.27
CA VAL C 496 -20.31 38.66 -15.56
C VAL C 496 -20.96 39.96 -16.01
N LEU C 497 -22.26 39.91 -16.33
CA LEU C 497 -23.03 41.05 -16.83
C LEU C 497 -22.70 42.35 -16.11
N ASP C 498 -22.77 42.36 -14.78
CA ASP C 498 -22.50 43.58 -14.04
C ASP C 498 -21.28 43.43 -13.13
N HIS C 499 -21.15 42.33 -12.42
CA HIS C 499 -20.03 42.13 -11.50
C HIS C 499 -18.77 41.78 -12.29
N THR C 500 -17.72 42.56 -12.11
CA THR C 500 -16.44 42.36 -12.80
C THR C 500 -15.39 41.84 -11.83
N ASP C 501 -15.82 41.17 -10.77
CA ASP C 501 -14.89 40.62 -9.77
C ASP C 501 -15.33 39.23 -9.33
N TRP C 502 -15.94 38.46 -10.22
CA TRP C 502 -16.42 37.12 -9.91
C TRP C 502 -15.24 36.16 -9.96
N CYS C 503 -14.84 35.65 -8.79
CA CYS C 503 -13.71 34.74 -8.69
C CYS C 503 -14.21 33.32 -8.49
N ARG C 504 -13.79 32.42 -9.37
CA ARG C 504 -14.17 31.01 -9.33
C ARG C 504 -12.93 30.14 -9.17
N CYS C 505 -13.08 29.03 -8.46
CA CYS C 505 -12.00 28.10 -8.21
C CYS C 505 -12.41 26.70 -8.68
N SER C 506 -11.60 25.71 -8.32
CA SER C 506 -11.82 24.33 -8.73
C SER C 506 -12.32 23.49 -7.56
N CYS C 507 -12.71 22.26 -7.89
CA CYS C 507 -13.20 21.28 -6.92
C CYS C 507 -14.42 21.82 -6.16
N LEU C 508 -15.47 22.08 -6.92
CA LEU C 508 -16.72 22.60 -6.37
C LEU C 508 -17.88 21.72 -6.77
N PRO C 509 -18.83 21.45 -5.85
CA PRO C 509 -18.79 21.89 -4.45
C PRO C 509 -17.90 21.01 -3.58
N ASP C 510 -17.76 19.74 -3.98
CA ASP C 510 -16.96 18.77 -3.25
C ASP C 510 -16.50 17.70 -4.22
N PRO C 511 -15.36 17.04 -3.96
CA PRO C 511 -14.88 16.01 -4.88
C PRO C 511 -15.80 14.80 -4.98
N ILE C 512 -16.68 14.60 -4.01
CA ILE C 512 -17.60 13.46 -4.08
C ILE C 512 -18.68 13.72 -5.10
N THR C 513 -19.24 14.93 -5.12
CA THR C 513 -20.30 15.27 -6.06
C THR C 513 -19.88 16.44 -6.95
N ALA C 514 -18.66 16.37 -7.48
CA ALA C 514 -18.16 17.44 -8.33
C ALA C 514 -18.88 17.43 -9.68
N TYR C 515 -19.12 18.63 -10.21
CA TYR C 515 -19.79 18.74 -11.50
C TYR C 515 -18.85 18.34 -12.64
N ASP C 516 -17.57 18.72 -12.55
CA ASP C 516 -16.58 18.38 -13.57
C ASP C 516 -15.36 17.77 -12.89
N PRO C 517 -15.19 16.44 -12.94
CA PRO C 517 -14.02 15.84 -12.30
C PRO C 517 -12.71 16.17 -12.98
N ARG C 518 -12.73 16.53 -14.26
CA ARG C 518 -11.50 16.80 -14.99
C ARG C 518 -10.82 18.09 -14.56
N SER C 519 -11.52 18.97 -13.86
CA SER C 519 -10.98 20.25 -13.44
C SER C 519 -10.52 20.27 -11.99
N CYS C 520 -10.68 19.16 -11.28
CA CYS C 520 -10.28 19.07 -9.87
C CYS C 520 -8.99 18.26 -9.77
N SER C 521 -8.13 18.67 -8.83
CA SER C 521 -6.82 18.03 -8.71
C SER C 521 -6.94 16.62 -8.14
N GLN C 522 -7.60 16.48 -7.00
CA GLN C 522 -7.75 15.17 -6.38
C GLN C 522 -8.70 14.30 -7.20
N LYS C 523 -8.23 13.12 -7.59
CA LYS C 523 -8.96 12.21 -8.45
C LYS C 523 -9.33 10.95 -7.69
N LYS C 524 -10.53 10.44 -7.96
CA LYS C 524 -11.00 9.22 -7.30
C LYS C 524 -10.27 8.01 -7.86
N SER C 525 -9.81 7.14 -6.96
CA SER C 525 -9.09 5.93 -7.37
C SER C 525 -9.58 4.76 -6.52
N LEU C 526 -9.28 3.55 -6.99
CA LEU C 526 -9.63 2.32 -6.30
C LEU C 526 -8.39 1.67 -5.73
N VAL C 527 -8.56 0.99 -4.59
CA VAL C 527 -7.44 0.33 -3.94
C VAL C 527 -7.06 -0.92 -4.72
N GLY C 528 -5.75 -1.21 -4.79
CA GLY C 528 -5.26 -2.37 -5.47
C GLY C 528 -5.17 -3.57 -4.57
N VAL C 529 -4.36 -4.55 -5.01
CA VAL C 529 -4.15 -5.78 -4.26
C VAL C 529 -2.95 -5.53 -3.33
N GLY C 530 -3.23 -5.23 -2.07
CA GLY C 530 -2.18 -5.02 -1.08
C GLY C 530 -1.91 -3.58 -0.72
N GLU C 531 -2.72 -2.64 -1.19
CA GLU C 531 -2.52 -1.22 -0.90
C GLU C 531 -3.64 -0.72 0.01
N HIS C 532 -3.33 0.33 0.76
CA HIS C 532 -4.30 0.96 1.64
C HIS C 532 -5.01 2.11 0.92
N CYS C 533 -5.96 2.73 1.62
CA CYS C 533 -6.66 3.88 1.06
C CYS C 533 -5.72 5.06 0.93
N ALA C 534 -5.72 5.69 -0.25
CA ALA C 534 -4.82 6.80 -0.51
C ALA C 534 -5.16 8.00 0.36
N GLY C 535 -6.44 8.22 0.63
CA GLY C 535 -6.85 9.31 1.48
C GLY C 535 -8.30 9.67 1.27
N PHE C 536 -8.85 10.38 2.25
CA PHE C 536 -10.23 10.82 2.19
C PHE C 536 -10.37 12.09 1.36
N GLY C 537 -11.60 12.42 1.03
CA GLY C 537 -11.86 13.66 0.33
C GLY C 537 -11.70 14.87 1.23
N VAL C 538 -11.31 15.99 0.61
CA VAL C 538 -11.04 17.24 1.32
C VAL C 538 -11.89 18.33 0.70
N ASP C 539 -12.66 19.03 1.54
CA ASP C 539 -13.46 20.16 1.09
C ASP C 539 -12.58 21.41 1.10
N GLU C 540 -12.22 21.89 -0.09
CA GLU C 540 -11.32 23.04 -0.18
C GLU C 540 -11.98 24.33 0.28
N GLU C 541 -13.31 24.37 0.39
CA GLU C 541 -13.99 25.57 0.84
C GLU C 541 -13.86 25.79 2.35
N LYS C 542 -13.41 24.78 3.08
CA LYS C 542 -13.28 24.87 4.53
C LYS C 542 -11.84 24.81 5.01
N CYS C 543 -10.88 24.90 4.08
CA CYS C 543 -9.45 24.85 4.42
C CYS C 543 -8.89 26.26 4.44
N GLY C 544 -8.10 26.57 5.47
CA GLY C 544 -7.46 27.85 5.59
C GLY C 544 -8.33 28.90 6.24
N VAL C 545 -7.88 30.14 6.15
CA VAL C 545 -8.57 31.29 6.73
C VAL C 545 -8.76 32.34 5.63
N LEU C 546 -9.49 33.39 5.99
CA LEU C 546 -9.77 34.46 5.04
C LEU C 546 -8.77 35.61 5.21
N ASP C 547 -8.21 36.08 4.09
CA ASP C 547 -7.28 37.20 4.06
C ASP C 547 -6.06 36.93 4.95
N GLY C 548 -5.27 35.92 4.59
CA GLY C 548 -4.05 35.63 5.32
C GLY C 548 -2.84 36.25 4.64
N SER C 549 -2.01 36.95 5.41
CA SER C 549 -0.85 37.63 4.84
C SER C 549 0.35 36.71 4.73
N TYR C 550 0.15 35.53 4.15
CA TYR C 550 1.23 34.57 3.90
C TYR C 550 2.01 34.25 5.17
N ASN C 551 1.34 34.23 6.31
CA ASN C 551 1.96 33.94 7.59
C ASN C 551 1.11 32.98 8.40
N VAL C 552 0.50 32.00 7.73
CA VAL C 552 -0.35 31.02 8.40
C VAL C 552 -0.38 29.74 7.58
N SER C 553 -0.23 28.60 8.24
CA SER C 553 -0.25 27.31 7.58
C SER C 553 -1.65 26.99 7.08
N CYS C 554 -1.74 25.99 6.20
CA CYS C 554 -3.01 25.60 5.60
C CYS C 554 -3.50 24.32 6.24
N LEU C 555 -4.24 24.45 7.34
CA LEU C 555 -4.80 23.32 8.06
C LEU C 555 -6.31 23.33 7.91
N CYS C 556 -6.87 22.22 7.42
CA CYS C 556 -8.30 22.08 7.24
C CYS C 556 -8.95 21.66 8.55
N SER C 557 -10.20 22.06 8.75
CA SER C 557 -10.93 21.67 9.93
C SER C 557 -11.27 20.18 9.87
N THR C 558 -11.68 19.63 11.01
CA THR C 558 -12.04 18.21 11.06
C THR C 558 -13.28 17.92 10.22
N ASP C 559 -14.16 18.90 10.04
CA ASP C 559 -15.35 18.71 9.22
C ASP C 559 -15.07 18.81 7.73
N ALA C 560 -13.85 19.17 7.34
CA ALA C 560 -13.49 19.32 5.93
C ALA C 560 -13.14 17.99 5.27
N PHE C 561 -13.04 16.92 6.03
CA PHE C 561 -12.73 15.60 5.50
C PHE C 561 -14.01 14.81 5.33
N LEU C 562 -14.28 14.38 4.10
CA LEU C 562 -15.50 13.66 3.76
C LEU C 562 -15.16 12.31 3.14
N GLY C 563 -16.15 11.42 3.15
CA GLY C 563 -16.01 10.12 2.53
C GLY C 563 -15.72 8.97 3.48
N TRP C 564 -16.12 9.07 4.74
CA TRP C 564 -15.88 8.01 5.71
C TRP C 564 -17.06 7.91 6.67
N SER C 565 -17.34 6.67 7.09
CA SER C 565 -18.41 6.41 8.04
C SER C 565 -17.93 5.36 9.04
N TYR C 566 -18.66 5.25 10.14
CA TYR C 566 -18.31 4.32 11.21
C TYR C 566 -19.54 3.52 11.63
N ASP C 567 -19.28 2.35 12.18
CA ASP C 567 -20.33 1.48 12.69
C ASP C 567 -19.74 0.58 13.77
N THR C 568 -20.61 0.04 14.62
CA THR C 568 -20.20 -0.82 15.72
C THR C 568 -19.94 -2.23 15.21
N CYS C 569 -19.30 -3.04 16.06
CA CYS C 569 -18.99 -4.43 15.72
C CYS C 569 -19.34 -5.37 16.87
N VAL C 570 -20.20 -4.95 17.78
CA VAL C 570 -20.59 -5.75 18.94
C VAL C 570 -21.82 -6.56 18.57
N SER C 571 -21.72 -7.88 18.69
CA SER C 571 -22.83 -8.79 18.41
C SER C 571 -22.79 -9.91 19.44
N ASN C 572 -23.84 -9.99 20.27
CA ASN C 572 -23.93 -10.98 21.34
C ASN C 572 -22.72 -10.90 22.27
N ASN C 573 -22.38 -9.66 22.68
CA ASN C 573 -21.26 -9.40 23.59
C ASN C 573 -19.95 -9.91 23.01
N ARG C 574 -19.81 -9.86 21.69
CA ARG C 574 -18.59 -10.28 21.01
C ARG C 574 -18.38 -9.43 19.77
N CYS C 575 -17.14 -9.41 19.31
CA CYS C 575 -16.75 -8.67 18.11
C CYS C 575 -16.42 -9.65 17.00
N ASN C 576 -16.78 -9.28 15.78
CA ASN C 576 -16.54 -10.11 14.59
C ASN C 576 -15.28 -9.61 13.89
N ILE C 577 -14.39 -10.55 13.56
CA ILE C 577 -13.11 -10.24 12.92
C ILE C 577 -12.95 -11.12 11.70
N PHE C 578 -12.38 -10.53 10.64
CA PHE C 578 -12.12 -11.22 9.39
C PHE C 578 -10.62 -11.49 9.27
N SER C 579 -10.26 -12.62 8.66
CA SER C 579 -8.88 -12.98 8.44
C SER C 579 -8.74 -13.69 7.11
N ASN C 580 -7.70 -13.33 6.35
CA ASN C 580 -7.43 -13.88 5.04
C ASN C 580 -6.04 -14.49 5.02
N PHE C 581 -5.96 -15.76 4.63
CA PHE C 581 -4.69 -16.48 4.55
C PHE C 581 -4.22 -16.53 3.10
N ILE C 582 -2.96 -16.18 2.88
CA ILE C 582 -2.34 -16.22 1.55
C ILE C 582 -1.27 -17.31 1.59
N LEU C 583 -1.41 -18.30 0.72
CA LEU C 583 -0.49 -19.43 0.66
C LEU C 583 0.49 -19.24 -0.49
N ASN C 584 1.78 -19.33 -0.20
CA ASN C 584 2.83 -19.16 -1.18
C ASN C 584 3.64 -20.45 -1.25
N GLY C 585 3.43 -21.22 -2.33
CA GLY C 585 4.19 -22.44 -2.54
C GLY C 585 3.51 -23.67 -1.98
N ILE C 586 3.09 -24.58 -2.87
CA ILE C 586 2.43 -25.82 -2.48
C ILE C 586 3.42 -26.96 -2.64
N ASN C 587 3.48 -27.84 -1.63
CA ASN C 587 4.37 -28.99 -1.62
C ASN C 587 5.85 -28.59 -1.68
N SER C 588 6.18 -27.42 -1.14
CA SER C 588 7.55 -26.95 -1.12
C SER C 588 7.68 -25.87 -0.06
N GLY C 589 8.64 -26.04 0.85
CA GLY C 589 8.85 -25.07 1.90
C GLY C 589 9.13 -25.70 3.25
N THR C 590 9.21 -24.87 4.29
CA THR C 590 9.49 -25.35 5.64
C THR C 590 8.36 -25.09 6.62
N THR C 591 7.31 -24.39 6.21
CA THR C 591 6.14 -24.16 7.05
C THR C 591 5.15 -25.30 6.79
N CYS C 592 5.25 -26.35 7.60
CA CYS C 592 4.44 -27.55 7.41
C CYS C 592 3.38 -27.63 8.51
N SER C 593 2.50 -28.61 8.37
CA SER C 593 1.44 -28.87 9.34
C SER C 593 1.68 -30.21 10.01
N ASN C 594 1.38 -30.27 11.31
CA ASN C 594 1.62 -31.47 12.11
C ASN C 594 0.35 -32.27 12.37
N ASP C 595 -0.72 -32.02 11.63
CA ASP C 595 -1.99 -32.71 11.87
C ASP C 595 -2.01 -34.13 11.33
N LEU C 596 -1.03 -34.53 10.52
CA LEU C 596 -0.93 -35.88 10.02
C LEU C 596 0.14 -36.70 10.75
N LEU C 597 0.78 -36.12 11.75
CA LEU C 597 1.80 -36.83 12.52
C LEU C 597 1.18 -37.45 13.77
N GLN C 598 1.76 -38.55 14.21
CA GLN C 598 1.25 -39.23 15.40
C GLN C 598 1.46 -38.37 16.63
N PRO C 599 0.44 -38.17 17.46
CA PRO C 599 0.63 -37.36 18.67
C PRO C 599 1.46 -38.08 19.70
N ASN C 600 2.13 -37.29 20.55
CA ASN C 600 2.98 -37.82 21.62
C ASN C 600 2.07 -38.35 22.73
N THR C 601 1.62 -39.58 22.54
CA THR C 601 0.71 -40.22 23.48
C THR C 601 1.47 -40.65 24.74
N GLU C 602 0.74 -41.19 25.70
CA GLU C 602 1.34 -41.60 26.96
C GLU C 602 2.19 -42.84 26.78
N VAL C 603 3.23 -42.96 27.61
CA VAL C 603 4.14 -44.10 27.59
C VAL C 603 3.52 -45.20 28.44
N PHE C 604 3.03 -46.25 27.79
CA PHE C 604 2.39 -47.36 28.49
C PHE C 604 3.47 -48.20 29.17
N THR C 605 3.72 -47.92 30.45
CA THR C 605 4.73 -48.65 31.20
C THR C 605 4.27 -50.08 31.49
N VAL C 609 6.48 -51.50 23.17
CA VAL C 609 7.17 -52.05 22.02
C VAL C 609 6.95 -51.17 20.79
N ASP C 610 7.71 -51.43 19.73
CA ASP C 610 7.64 -50.68 18.49
C ASP C 610 7.83 -49.19 18.74
N TYR C 611 9.00 -48.81 19.23
CA TYR C 611 9.29 -47.43 19.60
C TYR C 611 10.27 -46.82 18.60
N ASP C 612 10.16 -45.50 18.44
CA ASP C 612 11.09 -44.70 17.63
C ASP C 612 11.52 -43.53 18.51
N LEU C 613 12.55 -43.74 19.32
CA LEU C 613 12.98 -42.77 20.31
C LEU C 613 14.22 -42.04 19.80
N TYR C 614 14.01 -40.82 19.30
CA TYR C 614 15.09 -39.93 18.88
C TYR C 614 15.99 -40.57 17.82
N GLY C 615 15.37 -41.28 16.88
CA GLY C 615 16.09 -41.91 15.80
C GLY C 615 16.50 -43.36 16.05
N ILE C 616 16.16 -43.92 17.20
CA ILE C 616 16.49 -45.29 17.54
C ILE C 616 15.21 -46.12 17.52
N THR C 617 15.25 -47.25 16.83
CA THR C 617 14.10 -48.12 16.66
C THR C 617 14.35 -49.46 17.36
N GLY C 618 13.27 -50.13 17.70
CA GLY C 618 13.37 -51.42 18.35
C GLY C 618 12.07 -51.78 19.05
N GLN C 619 12.15 -52.80 19.89
CA GLN C 619 11.02 -53.26 20.67
C GLN C 619 11.49 -53.67 22.06
N GLY C 620 10.65 -53.41 23.05
CA GLY C 620 11.00 -53.75 24.42
C GLY C 620 9.89 -53.37 25.38
N ILE C 621 10.26 -53.26 26.66
CA ILE C 621 9.33 -52.92 27.72
C ILE C 621 9.82 -51.66 28.42
N PHE C 622 8.93 -51.06 29.21
CA PHE C 622 9.23 -49.82 29.92
C PHE C 622 8.89 -49.97 31.39
N LYS C 623 9.63 -49.24 32.22
CA LYS C 623 9.42 -49.24 33.67
C LYS C 623 9.82 -47.88 34.21
N GLU C 624 8.89 -47.25 34.93
CA GLU C 624 9.08 -45.89 35.44
C GLU C 624 9.96 -45.96 36.69
N VAL C 625 11.16 -45.39 36.59
CA VAL C 625 12.09 -45.29 37.71
C VAL C 625 12.62 -43.87 37.79
N SER C 626 13.42 -43.62 38.82
CA SER C 626 14.05 -42.32 39.02
C SER C 626 15.48 -42.35 38.52
N ALA C 627 15.94 -41.18 38.03
CA ALA C 627 17.29 -41.08 37.48
C ALA C 627 17.74 -39.63 37.60
N VAL C 628 18.91 -39.41 38.19
CA VAL C 628 19.43 -38.06 38.35
C VAL C 628 20.57 -37.78 37.38
N TYR C 629 21.09 -38.80 36.70
CA TYR C 629 22.24 -38.64 35.82
C TYR C 629 21.89 -38.01 34.48
N TYR C 630 20.62 -37.74 34.21
CA TYR C 630 20.20 -37.11 32.96
C TYR C 630 20.45 -35.61 33.02
N ASN C 631 21.17 -35.10 32.03
CA ASN C 631 21.44 -33.68 31.92
C ASN C 631 20.42 -33.03 30.98
N SER C 632 20.65 -31.76 30.64
CA SER C 632 19.68 -31.04 29.81
C SER C 632 19.70 -31.54 28.37
N TRP C 633 20.87 -31.93 27.87
CA TRP C 633 21.03 -32.36 26.49
C TRP C 633 20.95 -33.86 26.31
N GLN C 634 20.92 -34.63 27.40
CA GLN C 634 20.93 -36.08 27.34
C GLN C 634 19.51 -36.63 27.40
N ASN C 635 19.21 -37.58 26.53
CA ASN C 635 17.88 -38.17 26.47
C ASN C 635 17.91 -39.69 26.48
N LEU C 636 19.01 -40.29 26.01
CA LEU C 636 19.12 -41.73 25.87
C LEU C 636 20.22 -42.26 26.79
N LEU C 637 19.99 -43.44 27.36
CA LEU C 637 20.94 -44.10 28.24
C LEU C 637 21.43 -45.38 27.56
N TYR C 638 22.74 -45.47 27.34
CA TYR C 638 23.36 -46.59 26.67
C TYR C 638 24.22 -47.37 27.64
N ASP C 639 24.32 -48.68 27.44
CA ASP C 639 25.14 -49.52 28.30
C ASP C 639 26.60 -49.43 27.87
N SER C 640 27.42 -50.32 28.43
CA SER C 640 28.86 -50.29 28.16
C SER C 640 29.19 -50.67 26.73
N ASN C 641 28.35 -51.47 26.06
CA ASN C 641 28.62 -51.95 24.70
C ASN C 641 27.41 -51.67 23.83
N GLY C 642 27.29 -50.43 23.36
CA GLY C 642 26.36 -50.02 22.32
C GLY C 642 24.97 -50.61 22.34
N ASN C 643 24.26 -50.50 23.46
CA ASN C 643 22.88 -50.98 23.55
C ASN C 643 22.09 -50.02 24.41
N ILE C 644 20.90 -49.65 23.94
CA ILE C 644 20.05 -48.72 24.66
C ILE C 644 19.35 -49.45 25.80
N ILE C 645 19.38 -48.86 27.00
CA ILE C 645 18.74 -49.45 28.16
C ILE C 645 17.76 -48.51 28.86
N GLY C 646 17.83 -47.20 28.61
CA GLY C 646 16.91 -46.27 29.23
C GLY C 646 16.79 -45.01 28.41
N PHE C 647 15.75 -44.24 28.70
CA PHE C 647 15.50 -42.99 27.99
C PHE C 647 14.68 -42.07 28.89
N LYS C 648 14.55 -40.82 28.46
CA LYS C 648 13.76 -39.81 29.16
C LYS C 648 12.81 -39.14 28.19
N ASP C 649 11.59 -38.89 28.64
CA ASP C 649 10.57 -38.23 27.83
C ASP C 649 10.66 -36.73 28.05
N PHE C 650 10.80 -35.97 26.97
CA PHE C 650 11.00 -34.53 27.06
C PHE C 650 9.71 -33.75 27.23
N VAL C 651 8.57 -34.43 27.35
CA VAL C 651 7.29 -33.76 27.57
C VAL C 651 6.75 -33.97 28.98
N THR C 652 7.20 -35.00 29.70
CA THR C 652 6.74 -35.26 31.05
C THR C 652 7.87 -35.33 32.06
N ASN C 653 9.13 -35.31 31.63
CA ASN C 653 10.29 -35.41 32.50
C ASN C 653 10.23 -36.67 33.36
N LYS C 654 9.92 -37.79 32.71
CA LYS C 654 9.86 -39.10 33.36
C LYS C 654 10.90 -40.01 32.72
N THR C 655 11.62 -40.74 33.57
CA THR C 655 12.67 -41.65 33.12
C THR C 655 12.16 -43.08 33.13
N TYR C 656 12.52 -43.84 32.10
CA TYR C 656 12.10 -45.21 31.95
C TYR C 656 13.31 -46.09 31.59
N ASN C 657 13.22 -47.37 31.96
CA ASN C 657 14.23 -48.35 31.63
C ASN C 657 13.72 -49.29 30.56
N ILE C 658 14.61 -49.70 29.66
CA ILE C 658 14.24 -50.60 28.58
C ILE C 658 14.89 -51.97 28.78
C1 NAG D . 17.19 -15.53 19.76
C2 NAG D . 15.73 -15.33 19.37
C3 NAG D . 15.58 -14.10 18.46
C4 NAG D . 16.23 -12.88 19.11
C5 NAG D . 17.67 -13.19 19.51
C6 NAG D . 18.32 -12.06 20.27
C7 NAG D . 14.15 -17.20 19.20
C8 NAG D . 13.73 -18.39 18.39
N2 NAG D . 15.19 -16.51 18.72
O3 NAG D . 14.21 -13.86 18.21
O4 NAG D . 16.21 -11.79 18.20
O5 NAG D . 17.70 -14.34 20.36
O6 NAG D . 17.99 -12.10 21.65
O7 NAG D . 13.58 -16.87 20.22
C1 NAG D . 15.30 -10.78 18.69
C2 NAG D . 15.66 -9.45 18.03
C3 NAG D . 14.68 -8.37 18.48
C4 NAG D . 13.24 -8.80 18.23
C5 NAG D . 12.99 -10.16 18.88
C6 NAG D . 11.62 -10.72 18.57
C7 NAG D . 18.03 -9.20 17.47
C8 NAG D . 19.37 -8.76 17.95
N2 NAG D . 17.03 -9.07 18.34
O3 NAG D . 14.95 -7.16 17.77
O4 NAG D . 12.34 -7.85 18.78
O5 NAG D . 13.94 -11.12 18.39
O6 NAG D . 11.40 -10.82 17.17
O7 NAG D . 17.87 -9.67 16.35
C1 BMA D . 11.69 -7.14 17.70
C2 BMA D . 10.32 -6.64 18.21
C3 BMA D . 9.66 -5.75 17.17
C4 BMA D . 10.63 -4.67 16.65
C5 BMA D . 11.92 -5.33 16.15
C6 BMA D . 12.94 -4.32 15.66
O2 BMA D . 10.48 -5.86 19.38
O3 BMA D . 8.48 -5.13 17.67
O4 BMA D . 10.02 -3.93 15.60
O5 BMA D . 12.50 -6.06 17.24
O6 BMA D . 13.99 -5.03 15.01
C1 MAN D . 7.44 -6.14 17.75
C2 MAN D . 6.28 -5.71 16.82
C3 MAN D . 5.52 -4.52 17.41
C4 MAN D . 5.13 -4.80 18.87
C5 MAN D . 6.38 -5.13 19.68
C6 MAN D . 6.09 -5.45 21.13
O2 MAN D . 5.32 -6.75 16.67
O3 MAN D . 4.37 -4.19 16.65
O4 MAN D . 4.50 -3.65 19.42
O5 MAN D . 7.02 -6.29 19.10
O6 MAN D . 7.32 -5.53 21.83
C1 NAG E . 20.14 -13.73 -4.67
C2 NAG E . 19.08 -12.62 -4.79
C3 NAG E . 19.25 -11.87 -6.10
C4 NAG E . 20.68 -11.36 -6.26
C5 NAG E . 21.68 -12.50 -6.06
C6 NAG E . 23.12 -12.04 -6.05
C7 NAG E . 16.87 -12.81 -3.75
C8 NAG E . 15.53 -13.49 -3.80
N2 NAG E . 17.75 -13.18 -4.69
O3 NAG E . 18.34 -10.79 -6.15
O4 NAG E . 20.85 -10.81 -7.56
O5 NAG E . 21.44 -13.15 -4.79
O6 NAG E . 23.59 -11.78 -7.36
O7 NAG E . 17.14 -11.97 -2.90
C1 NAG E . 21.21 -9.41 -7.45
C2 NAG E . 21.76 -8.96 -8.80
C3 NAG E . 22.13 -7.49 -8.76
C4 NAG E . 20.94 -6.65 -8.28
C5 NAG E . 20.40 -7.21 -6.96
C6 NAG E . 19.14 -6.50 -6.51
C7 NAG E . 22.90 -10.59 -10.26
C8 NAG E . 24.17 -11.34 -10.52
N2 NAG E . 22.90 -9.77 -9.20
O3 NAG E . 22.54 -7.06 -10.05
O4 NAG E . 21.34 -5.30 -8.09
O5 NAG E . 20.08 -8.60 -7.09
O6 NAG E . 18.11 -6.63 -7.47
O7 NAG E . 21.91 -10.72 -10.97
C1 BMA E . 20.80 -4.47 -9.15
C2 BMA E . 21.05 -3.00 -8.77
C3 BMA E . 20.68 -2.07 -9.93
C4 BMA E . 21.29 -2.57 -11.26
C5 BMA E . 20.89 -4.03 -11.50
C6 BMA E . 21.48 -4.59 -12.78
O2 BMA E . 22.44 -2.78 -8.49
O3 BMA E . 21.10 -0.73 -9.69
O4 BMA E . 20.82 -1.76 -12.33
O5 BMA E . 21.39 -4.81 -10.41
O6 BMA E . 20.90 -5.87 -13.01
C1 MAN E . 20.04 -0.03 -9.01
C2 MAN E . 19.92 1.38 -9.65
C3 MAN E . 21.11 2.25 -9.24
C4 MAN E . 21.31 2.22 -7.72
C5 MAN E . 21.47 0.77 -7.25
C6 MAN E . 21.63 0.65 -5.74
O2 MAN E . 18.76 2.07 -9.18
O3 MAN E . 20.97 3.59 -9.70
O4 MAN E . 22.47 2.96 -7.37
O5 MAN E . 20.29 0.03 -7.62
O6 MAN E . 21.98 -0.70 -5.44
C1 NAG F . 30.24 -18.24 35.31
C2 NAG F . 29.80 -19.09 36.50
C3 NAG F . 30.39 -18.54 37.80
C4 NAG F . 31.89 -18.40 37.69
C5 NAG F . 32.26 -17.58 36.46
C6 NAG F . 33.74 -17.49 36.21
C7 NAG F . 27.69 -20.24 36.99
C8 NAG F . 26.19 -20.12 37.01
N2 NAG F . 28.35 -19.15 36.58
O3 NAG F . 30.05 -19.40 38.88
O4 NAG F . 32.42 -17.77 38.85
O5 NAG F . 31.67 -18.17 35.28
O6 NAG F . 34.34 -18.77 36.15
O7 NAG F . 28.26 -21.26 37.33
C1 NAG F . 33.34 -18.68 39.51
C2 NAG F . 34.37 -17.83 40.26
C3 NAG F . 35.35 -18.74 40.99
C4 NAG F . 34.59 -19.73 41.88
C5 NAG F . 33.54 -20.48 41.07
C6 NAG F . 32.68 -21.38 41.92
C7 NAG F . 34.93 -15.61 39.38
C8 NAG F . 35.74 -14.84 38.37
N2 NAG F . 35.08 -16.94 39.35
O3 NAG F . 36.23 -17.95 41.77
O4 NAG F . 35.51 -20.67 42.44
O5 NAG F . 32.67 -19.55 40.42
O6 NAG F . 32.17 -20.70 43.06
O7 NAG F . 34.19 -15.06 40.18
C1 BMA F . 35.63 -20.43 43.86
C2 BMA F . 36.47 -21.58 44.46
C3 BMA F . 36.79 -21.30 45.93
C4 BMA F . 37.34 -19.88 46.13
C5 BMA F . 36.37 -18.86 45.51
C6 BMA F . 36.87 -17.43 45.64
O2 BMA F . 37.72 -21.70 43.79
O3 BMA F . 37.69 -22.25 46.47
O4 BMA F . 37.49 -19.61 47.52
O5 BMA F . 36.24 -19.17 44.12
O6 BMA F . 35.82 -16.56 45.24
C1 NAG G . 23.55 3.35 9.71
C2 NAG G . 24.06 4.28 8.60
C3 NAG G . 23.49 5.69 8.78
C4 NAG G . 21.97 5.64 8.88
C5 NAG G . 21.55 4.69 9.99
C6 NAG G . 20.05 4.50 10.08
C7 NAG G . 26.23 3.87 7.54
C8 NAG G . 27.72 3.98 7.69
N2 NAG G . 25.51 4.31 8.58
O3 NAG G . 23.89 6.50 7.68
O4 NAG G . 21.46 6.95 9.16
O5 NAG G . 22.10 3.39 9.73
O6 NAG G . 19.49 4.17 8.81
O7 NAG G . 25.71 3.42 6.53
C1 NAG G . 20.73 7.41 8.01
C2 NAG G . 19.66 8.40 8.48
C3 NAG G . 18.90 8.96 7.28
C4 NAG G . 19.87 9.54 6.26
C5 NAG G . 20.92 8.51 5.88
C6 NAG G . 21.99 9.07 4.96
C7 NAG G . 18.71 8.09 10.72
C8 NAG G . 17.71 7.34 11.54
N2 NAG G . 18.75 7.77 9.41
O3 NAG G . 18.00 9.96 7.72
O4 NAG G . 19.15 9.93 5.09
O5 NAG G . 21.60 8.06 7.06
O6 NAG G . 22.45 10.33 5.42
O7 NAG G . 19.44 8.94 11.20
C1 NAG H . 47.63 -0.31 28.48
C2 NAG H . 47.33 0.92 29.34
C3 NAG H . 48.41 1.97 29.12
C4 NAG H . 49.79 1.39 29.36
C5 NAG H . 49.98 0.12 28.51
C6 NAG H . 51.28 -0.60 28.80
C7 NAG H . 45.21 1.95 29.98
C8 NAG H . 43.88 2.47 29.51
N2 NAG H . 46.02 1.47 29.05
O3 NAG H . 48.20 3.06 30.02
O4 NAG H . 50.79 2.33 28.99
O5 NAG H . 48.93 -0.81 28.79
O6 NAG H . 51.45 -0.84 30.19
O7 NAG H . 45.52 1.97 31.17
C1 NAG H . 51.46 2.81 30.17
C2 NAG H . 52.88 3.22 29.79
C3 NAG H . 53.61 3.78 31.00
C4 NAG H . 52.79 4.91 31.63
C5 NAG H . 51.38 4.44 31.93
C6 NAG H . 50.49 5.54 32.45
C7 NAG H . 53.91 1.98 27.93
C8 NAG H . 54.68 0.76 27.53
N2 NAG H . 53.62 2.09 29.23
O3 NAG H . 54.89 4.27 30.60
O4 NAG H . 53.42 5.34 32.83
O5 NAG H . 50.78 3.93 30.74
O6 NAG H . 50.09 6.42 31.40
O7 NAG H . 53.57 2.84 27.12
C1 NAG I . 11.24 -30.60 32.45
C2 NAG I . 10.26 -29.43 32.61
C3 NAG I . 10.82 -28.17 31.95
C4 NAG I . 12.22 -27.88 32.48
C5 NAG I . 13.11 -29.10 32.32
C6 NAG I . 14.49 -28.92 32.93
C7 NAG I . 7.88 -30.01 32.82
C8 NAG I . 6.62 -30.33 32.09
N2 NAG I . 8.95 -29.75 32.07
O3 NAG I . 9.96 -27.07 32.21
O4 NAG I . 12.78 -26.78 31.77
O5 NAG I . 12.51 -30.23 32.97
O6 NAG I . 14.42 -28.23 34.18
O7 NAG I . 7.94 -29.99 34.05
C1 NAG I . 12.88 -25.65 32.65
C2 NAG I . 13.79 -24.60 32.01
C3 NAG I . 13.87 -23.35 32.89
C4 NAG I . 12.47 -22.83 33.20
C5 NAG I . 11.61 -23.95 33.79
C6 NAG I . 10.17 -23.54 34.01
C7 NAG I . 15.55 -25.52 30.57
C8 NAG I . 16.95 -26.07 30.51
N2 NAG I . 15.13 -25.14 31.78
O3 NAG I . 14.63 -22.34 32.23
O4 NAG I . 12.55 -21.76 34.13
O5 NAG I . 11.59 -25.06 32.89
O6 NAG I . 9.52 -23.26 32.78
O7 NAG I . 14.83 -25.45 29.57
C1 NAG J . -3.34 -31.46 15.97
C2 NAG J . -2.85 -32.66 16.76
C3 NAG J . -3.80 -33.83 16.57
C4 NAG J . -5.24 -33.42 16.86
C5 NAG J . -5.62 -32.12 16.16
C6 NAG J . -6.93 -31.53 16.64
C7 NAG J . -0.42 -32.78 17.12
C8 NAG J . 0.89 -33.23 16.56
N2 NAG J . -1.50 -33.03 16.37
O3 NAG J . -3.42 -34.91 17.42
O4 NAG J . -6.10 -34.46 16.39
O5 NAG J . -4.63 -31.10 16.41
O6 NAG J . -6.92 -31.30 18.04
O7 NAG J . -0.51 -32.22 18.21
C1 NAG J . -7.15 -34.82 17.31
C2 NAG J . -8.39 -35.14 16.48
C3 NAG J . -9.55 -35.49 17.40
C4 NAG J . -9.16 -36.64 18.33
C5 NAG J . -7.86 -36.30 19.06
C6 NAG J . -7.32 -37.46 19.89
C7 NAG J . -8.83 -34.13 14.29
C8 NAG J . -9.22 -32.88 13.55
N2 NAG J . -8.75 -34.02 15.62
O3 NAG J . -10.67 -35.85 16.61
O4 NAG J . -10.17 -36.87 19.29
O5 NAG J . -6.82 -35.96 18.13
O6 NAG J . -7.27 -38.66 19.12
O7 NAG J . -8.62 -35.19 13.71
C1 BMA J . -11.07 -37.91 18.84
C2 BMA J . -11.39 -38.85 20.02
C3 BMA J . -12.46 -39.85 19.61
C4 BMA J . -13.67 -39.15 18.95
C5 BMA J . -13.18 -38.28 17.78
C6 BMA J . -14.31 -37.51 17.11
O2 BMA J . -11.91 -38.10 21.12
O3 BMA J . -12.91 -40.62 20.72
O4 BMA J . -14.58 -40.12 18.47
O5 BMA J . -12.24 -37.33 18.29
O6 BMA J . -13.76 -36.72 16.06
C1 NAG K . -10.05 -9.13 30.23
C2 NAG K . -10.83 -8.27 31.20
C3 NAG K . -10.32 -8.47 32.62
C4 NAG K . -10.29 -9.95 32.99
C5 NAG K . -9.55 -10.74 31.92
C6 NAG K . -9.61 -12.23 32.15
C7 NAG K . -11.71 -5.97 31.15
C8 NAG K . -11.47 -4.56 30.67
N2 NAG K . -10.76 -6.86 30.82
O3 NAG K . -11.15 -7.75 33.53
O4 NAG K . -9.64 -10.12 34.23
O5 NAG K . -10.12 -10.51 30.63
O6 NAG K . -10.81 -12.79 31.61
O7 NAG K . -12.70 -6.28 31.80
C1 NAG K . -10.60 -10.51 35.24
C2 NAG K . -9.86 -11.18 36.38
C3 NAG K . -10.83 -11.57 37.49
C4 NAG K . -11.64 -10.35 37.93
C5 NAG K . -12.31 -9.71 36.72
C6 NAG K . -13.02 -8.42 37.07
C7 NAG K . -7.83 -12.34 35.62
C8 NAG K . -7.24 -13.64 35.15
N2 NAG K . -9.13 -12.36 35.91
O3 NAG K . -10.11 -12.09 38.60
O4 NAG K . -12.64 -10.74 38.87
O5 NAG K . -11.32 -9.37 35.73
O6 NAG K . -12.22 -7.28 36.80
O7 NAG K . -7.15 -11.32 35.72
C1 NAG L . 27.97 -0.76 -4.97
C2 NAG L . 28.82 -0.31 -6.17
C3 NAG L . 29.20 1.17 -6.03
C4 NAG L . 27.94 2.01 -5.84
C5 NAG L . 27.11 1.47 -4.67
C6 NAG L . 25.80 2.18 -4.50
C7 NAG L . 30.10 -2.20 -7.08
C8 NAG L . 31.41 -2.92 -7.08
N2 NAG L . 30.02 -1.13 -6.28
O3 NAG L . 29.89 1.59 -7.20
O4 NAG L . 28.30 3.36 -5.58
O5 NAG L . 26.81 0.08 -4.88
O6 NAG L . 24.81 1.67 -5.38
O7 NAG L . 29.17 -2.57 -7.77
C1 NAG M . 52.12 -9.10 4.53
C2 NAG M . 52.39 -10.12 3.43
C3 NAG M . 53.09 -11.35 4.01
C4 NAG M . 54.34 -10.94 4.77
C5 NAG M . 54.00 -9.88 5.81
C6 NAG M . 55.21 -9.33 6.53
C7 NAG M . 50.92 -10.25 1.47
C8 NAG M . 49.60 -10.71 0.94
N2 NAG M . 51.16 -10.50 2.75
O3 NAG M . 53.43 -12.24 2.96
O4 NAG M . 54.91 -12.07 5.42
O5 NAG M . 53.36 -8.76 5.19
O6 NAG M . 56.27 -9.08 5.61
O7 NAG M . 51.74 -9.66 0.76
O4 MJJ N . 46.30 -2.56 14.72
C4 MJJ N . 45.07 -3.33 14.94
C5 MJJ N . 44.39 -3.54 13.61
N5 MJJ N . 43.57 -4.78 13.68
C10 MJJ N . 43.87 -5.88 12.79
O10 MJJ N . 44.75 -5.78 12.01
C11 MJJ N . 43.04 -7.16 12.84
C3 MJJ N . 44.27 -2.64 15.96
C2 MJJ N . 43.46 -1.49 15.36
O2 MJJ N . 44.57 -0.63 15.54
CM2 MJJ N . 45.11 -0.34 16.82
C1 MJJ N . 42.63 -0.59 16.21
O1A MJJ N . 42.36 0.58 15.81
O1B MJJ N . 42.15 -1.00 17.30
O6 MJJ N . 43.65 -1.17 13.91
C6 MJJ N . 43.49 -2.40 13.13
C7 MJJ N . 43.79 -2.11 11.66
O7 MJJ N . 44.70 -3.05 11.17
C8 MJJ N . 44.35 -0.70 11.49
O8 MJJ N . 43.55 0.22 12.16
C9 MJJ N . 44.38 -0.36 10.00
O9 MJJ N . 43.17 -0.79 9.43
CA9 MJJ N . 43.26 -1.10 8.07
OA9 MJJ N . 44.25 -0.86 7.46
CM9 MJJ N . 42.09 -1.79 7.37
C1 NAG O . -13.62 13.79 21.86
C2 NAG O . -12.93 15.00 22.49
C3 NAG O . -13.68 15.46 23.73
C4 NAG O . -15.15 15.69 23.41
C5 NAG O . -15.75 14.46 22.76
C6 NAG O . -17.18 14.67 22.31
C7 NAG O . -10.53 14.97 22.00
C8 NAG O . -9.16 14.59 22.49
N2 NAG O . -11.54 14.70 22.82
O3 NAG O . -13.10 16.65 24.23
O4 NAG O . -15.87 16.00 24.61
O5 NAG O . -14.99 14.10 21.59
O6 NAG O . -17.23 15.42 21.09
O7 NAG O . -10.70 15.50 20.90
C1 NAG P . -0.01 38.10 9.42
C2 NAG P . -0.46 38.05 10.87
C3 NAG P . -1.64 38.99 11.10
C4 NAG P . -1.30 40.39 10.61
C5 NAG P . -0.81 40.35 9.16
C6 NAG P . -0.34 41.70 8.66
C7 NAG P . 0.03 35.89 11.94
C8 NAG P . -0.49 34.53 12.26
N2 NAG P . -0.81 36.69 11.26
O3 NAG P . -1.97 39.01 12.47
O4 NAG P . -2.45 41.23 10.68
O5 NAG P . 0.30 39.46 9.05
O6 NAG P . 0.89 42.07 9.26
O7 NAG P . 1.15 36.25 12.27
#